data_2E4M
#
_entry.id   2E4M
#
_cell.length_a   239.132
_cell.length_b   239.132
_cell.length_c   100.024
_cell.angle_alpha   90.00
_cell.angle_beta   90.00
_cell.angle_gamma   120.00
#
_symmetry.space_group_name_H-M   'H 3 2'
#
loop_
_entity.id
_entity.type
_entity.pdbx_description
1 polymer 'Main hemagglutinin component'
2 polymer HA-17
3 water water
#
loop_
_entity_poly.entity_id
_entity_poly.type
_entity_poly.pdbx_seq_one_letter_code
_entity_poly.pdbx_strand_id
1 'polypeptide(L)'
;MSQTNANDLRNNEVFFISPSNNTNKVLDKISQSEVKLWNKLSGANQKWRLIYDTNKQAYTIKVMDNTSLILTWDAPLSSV
SVKTDTNTNNQYWYLLQDYISRNVILRNYMNPNLVLQYNTDDTLIVSTQTNSNNQFFKFSNCIYEALNNRNCKLQTQLNS
DRFLSKNLNSQIIVLWQWFDSSRQKWTIEYNETKSAYTLKCQENNRYLTWIQNSNNYVETYQSTDSLIQYWNINYLDNDA
SKYILYNLQDTNRVLDVYNSQTANGTHVIVDSYHGNTNQQWIINLI
;
A,B
2 'polypeptide(L)'
;MSSERTFLPNGNYKIKSLFSDSLYLTYSSGSLSFLNTSSLDNQKWKLEYISSSNGFRFSNVAEPNKYLAYNDYGFIYLSS
SSNNSLWNPIKIAINSYIICTLSIVNVTDYAWTIYDNNNNITDQPILNLPNFDINNSNQILKLEKL
;
C
#
# COMPACT_ATOMS: atom_id res chain seq x y z
N SER A 2 10.68 4.57 1.79
CA SER A 2 11.78 4.05 0.92
C SER A 2 13.08 3.96 1.73
N GLN A 3 13.84 2.90 1.47
CA GLN A 3 14.83 2.42 2.43
C GLN A 3 14.28 2.25 3.88
N THR A 4 14.23 3.28 4.75
CA THR A 4 13.67 3.03 6.12
C THR A 4 12.25 2.55 6.07
N ASN A 5 11.93 1.58 6.92
CA ASN A 5 10.53 1.19 7.11
C ASN A 5 9.78 2.00 8.16
N ALA A 6 10.41 3.06 8.74
CA ALA A 6 9.79 3.78 9.87
C ALA A 6 8.54 4.60 9.49
N ASN A 7 8.39 4.85 8.19
CA ASN A 7 7.21 5.56 7.66
C ASN A 7 6.08 4.65 7.14
N ASP A 8 6.21 3.34 7.33
CA ASP A 8 5.16 2.41 6.90
C ASP A 8 3.84 2.70 7.64
N LEU A 9 2.72 2.35 7.00
CA LEU A 9 1.39 2.71 7.44
C LEU A 9 0.87 1.82 8.59
N ARG A 10 1.66 1.72 9.67
CA ARG A 10 1.35 0.87 10.80
C ARG A 10 0.16 1.37 11.60
N ASN A 11 -0.61 0.43 12.12
CA ASN A 11 -1.67 0.75 13.05
C ASN A 11 -1.11 1.51 14.27
N ASN A 12 -1.86 2.51 14.71
CA ASN A 12 -1.56 3.27 15.93
C ASN A 12 -0.29 4.15 15.78
N GLU A 13 0.26 4.35 14.57
CA GLU A 13 1.34 5.32 14.40
C GLU A 13 0.79 6.69 13.98
N VAL A 14 1.59 7.72 14.23
CA VAL A 14 1.20 9.12 13.95
C VAL A 14 2.06 9.76 12.86
N PHE A 15 1.39 10.48 11.94
CA PHE A 15 1.99 10.97 10.71
C PHE A 15 1.68 12.43 10.38
N PHE A 16 2.62 13.03 9.65
CA PHE A 16 2.33 14.14 8.75
C PHE A 16 1.82 13.53 7.43
N ILE A 17 0.76 14.14 6.89
CA ILE A 17 0.18 13.71 5.61
C ILE A 17 0.38 14.90 4.66
N SER A 18 1.19 14.67 3.66
CA SER A 18 1.58 15.77 2.78
C SER A 18 1.17 15.53 1.32
N PRO A 19 0.88 16.61 0.57
CA PRO A 19 0.62 16.40 -0.88
C PRO A 19 1.89 15.90 -1.56
N SER A 20 1.76 14.96 -2.50
CA SER A 20 2.94 14.43 -3.18
C SER A 20 3.76 15.52 -3.91
N ASN A 21 3.12 16.64 -4.27
CA ASN A 21 3.78 17.66 -5.08
C ASN A 21 4.47 18.73 -4.24
N ASN A 22 4.38 18.60 -2.90
CA ASN A 22 4.94 19.65 -2.01
C ASN A 22 5.24 19.17 -0.60
N THR A 23 6.50 18.86 -0.36
CA THR A 23 6.94 18.38 0.95
C THR A 23 6.86 19.47 2.05
N ASN A 24 6.59 20.72 1.66
CA ASN A 24 6.56 21.83 2.62
C ASN A 24 5.15 22.14 3.14
N LYS A 25 4.15 21.42 2.64
CA LYS A 25 2.79 21.51 3.13
C LYS A 25 2.36 20.19 3.78
N VAL A 26 1.38 20.29 4.68
CA VAL A 26 0.80 19.16 5.37
C VAL A 26 -0.69 19.36 5.57
N LEU A 27 -1.40 18.25 5.74
CA LEU A 27 -2.79 18.29 6.14
C LEU A 27 -2.89 18.93 7.55
N ASP A 28 -3.69 19.98 7.67
CA ASP A 28 -3.72 20.81 8.87
C ASP A 28 -5.19 21.03 9.31
N LYS A 29 -5.51 20.71 10.55
CA LYS A 29 -6.83 21.00 11.15
C LYS A 29 -6.82 22.46 11.59
N ILE A 30 -7.54 23.30 10.86
CA ILE A 30 -7.52 24.76 11.10
C ILE A 30 -8.62 25.27 12.04
N SER A 31 -9.60 24.43 12.35
CA SER A 31 -10.71 24.81 13.23
C SER A 31 -11.31 23.58 13.83
N GLN A 32 -12.42 23.72 14.56
CA GLN A 32 -13.11 22.54 15.10
C GLN A 32 -13.78 21.64 14.01
N SER A 33 -13.86 22.13 12.79
CA SER A 33 -14.52 21.40 11.72
C SER A 33 -13.74 21.32 10.39
N GLU A 34 -12.72 22.15 10.21
CA GLU A 34 -12.16 22.31 8.87
C GLU A 34 -10.69 21.87 8.76
N VAL A 35 -10.34 21.27 7.62
CA VAL A 35 -8.96 20.93 7.29
C VAL A 35 -8.54 21.68 6.06
N LYS A 36 -7.23 21.91 5.95
CA LYS A 36 -6.64 22.60 4.83
C LYS A 36 -5.16 22.18 4.70
N LEU A 37 -4.59 22.28 3.51
CA LEU A 37 -3.12 22.26 3.44
C LEU A 37 -2.50 23.52 4.05
N TRP A 38 -1.39 23.36 4.76
CA TRP A 38 -0.72 24.48 5.45
C TRP A 38 0.78 24.27 5.42
N ASN A 39 1.56 25.35 5.54
CA ASN A 39 3.01 25.21 5.70
C ASN A 39 3.28 24.32 6.93
N LYS A 40 4.32 23.50 6.82
CA LYS A 40 4.58 22.52 7.88
C LYS A 40 5.15 23.24 9.11
N LEU A 41 4.55 23.00 10.26
CA LEU A 41 4.98 23.64 11.52
C LEU A 41 5.28 22.61 12.61
N SER A 42 5.02 21.34 12.27
CA SER A 42 5.05 20.21 13.21
C SER A 42 4.15 20.43 14.44
N GLY A 43 3.06 21.20 14.30
CA GLY A 43 2.09 21.38 15.41
C GLY A 43 1.23 20.14 15.55
N ALA A 44 0.56 19.98 16.70
CA ALA A 44 -0.27 18.80 16.99
C ALA A 44 -1.52 18.66 16.08
N ASN A 45 -1.99 19.79 15.57
CA ASN A 45 -3.12 19.86 14.66
C ASN A 45 -2.72 19.49 13.21
N GLN A 46 -1.43 19.19 13.02
CA GLN A 46 -0.89 18.64 11.76
C GLN A 46 -0.45 17.18 11.87
N LYS A 47 -0.84 16.53 12.97
CA LYS A 47 -0.43 15.17 13.24
C LYS A 47 -1.68 14.30 13.32
N TRP A 48 -1.59 13.12 12.70
CA TRP A 48 -2.75 12.28 12.42
C TRP A 48 -2.41 10.84 12.80
N ARG A 49 -3.16 10.28 13.75
CA ARG A 49 -2.99 8.88 14.14
C ARG A 49 -3.85 8.00 13.20
N LEU A 50 -3.23 6.92 12.73
CA LEU A 50 -3.94 5.90 11.96
C LEU A 50 -4.43 4.77 12.87
N ILE A 51 -5.72 4.45 12.77
CA ILE A 51 -6.26 3.30 13.47
C ILE A 51 -6.98 2.40 12.49
N TYR A 52 -6.46 1.20 12.35
CA TYR A 52 -6.92 0.22 11.35
C TYR A 52 -8.10 -0.61 11.86
N ASP A 53 -9.06 -0.82 10.98
CA ASP A 53 -10.20 -1.67 11.26
C ASP A 53 -10.01 -2.92 10.41
N THR A 54 -9.75 -4.05 11.07
CA THR A 54 -9.38 -5.32 10.38
C THR A 54 -10.54 -5.86 9.50
N ASN A 55 -11.78 -5.61 9.90
CA ASN A 55 -12.92 -6.07 9.13
C ASN A 55 -13.05 -5.26 7.83
N LYS A 56 -12.89 -3.95 7.95
CA LYS A 56 -12.96 -3.07 6.79
C LYS A 56 -11.69 -3.07 5.93
N GLN A 57 -10.53 -3.40 6.52
CA GLN A 57 -9.23 -3.15 5.86
C GLN A 57 -9.11 -1.64 5.48
N ALA A 58 -9.57 -0.80 6.39
CA ALA A 58 -9.52 0.63 6.19
C ALA A 58 -9.25 1.29 7.56
N TYR A 59 -8.96 2.59 7.56
CA TYR A 59 -8.45 3.24 8.75
C TYR A 59 -9.31 4.44 9.11
N THR A 60 -9.39 4.72 10.42
CA THR A 60 -9.79 6.07 10.86
C THR A 60 -8.54 6.91 10.99
N ILE A 61 -8.69 8.21 10.74
CA ILE A 61 -7.55 9.12 10.71
C ILE A 61 -7.84 10.25 11.69
N LYS A 62 -7.11 10.24 12.81
CA LYS A 62 -7.51 11.08 13.98
C LYS A 62 -6.52 12.19 14.24
N VAL A 63 -7.00 13.44 14.32
CA VAL A 63 -6.09 14.55 14.63
C VAL A 63 -5.60 14.45 16.09
N MET A 64 -4.40 14.97 16.34
CA MET A 64 -3.65 14.68 17.57
C MET A 64 -3.49 15.90 18.49
N ASP A 65 -4.40 16.85 18.33
CA ASP A 65 -4.35 18.09 19.10
C ASP A 65 -5.29 18.05 20.32
N ASN A 66 -5.53 16.85 20.83
CA ASN A 66 -6.39 16.60 22.02
C ASN A 66 -7.89 16.90 21.81
N THR A 67 -8.34 16.81 20.57
CA THR A 67 -9.73 17.05 20.25
C THR A 67 -10.43 15.76 19.80
N SER A 68 -9.64 14.74 19.43
CA SER A 68 -10.14 13.42 19.04
C SER A 68 -11.02 13.43 17.78
N LEU A 69 -10.93 14.49 17.01
CA LEU A 69 -11.73 14.60 15.79
C LEU A 69 -11.08 13.80 14.68
N ILE A 70 -11.90 13.25 13.79
CA ILE A 70 -11.37 12.39 12.72
C ILE A 70 -11.80 12.90 11.34
N LEU A 71 -10.93 12.65 10.35
CA LEU A 71 -11.15 13.06 8.96
C LEU A 71 -12.40 12.37 8.41
N THR A 72 -13.30 13.19 7.86
CA THR A 72 -14.64 12.75 7.52
C THR A 72 -15.05 13.30 6.16
N TRP A 73 -15.60 12.43 5.32
CA TRP A 73 -16.22 12.86 4.07
C TRP A 73 -17.66 13.25 4.34
N ASP A 74 -18.00 14.48 3.98
CA ASP A 74 -19.32 15.04 4.30
C ASP A 74 -20.33 14.69 3.23
N ALA A 75 -20.54 13.39 3.05
CA ALA A 75 -21.54 12.86 2.12
C ALA A 75 -22.94 13.44 2.42
N PRO A 76 -23.67 13.88 1.37
CA PRO A 76 -23.42 13.75 -0.07
C PRO A 76 -22.70 14.85 -0.79
N LEU A 77 -22.14 15.81 -0.05
CA LEU A 77 -21.30 16.83 -0.65
C LEU A 77 -19.95 16.22 -1.00
N SER A 78 -19.13 16.98 -1.70
CA SER A 78 -17.79 16.57 -2.04
C SER A 78 -16.77 17.12 -1.01
N SER A 79 -17.26 17.82 0.01
CA SER A 79 -16.33 18.39 0.99
C SER A 79 -15.96 17.35 2.06
N VAL A 80 -14.86 17.65 2.76
CA VAL A 80 -14.35 16.87 3.86
C VAL A 80 -14.27 17.78 5.10
N SER A 81 -14.34 17.16 6.27
CA SER A 81 -14.21 17.89 7.54
C SER A 81 -13.43 17.07 8.55
N VAL A 82 -13.26 17.62 9.75
CA VAL A 82 -13.04 16.77 10.90
C VAL A 82 -14.30 16.80 11.77
N LYS A 83 -14.64 15.67 12.36
CA LYS A 83 -15.73 15.64 13.32
C LYS A 83 -15.63 14.50 14.28
N THR A 84 -16.48 14.54 15.31
CA THR A 84 -16.50 13.50 16.33
C THR A 84 -16.66 12.11 15.72
N ASP A 85 -15.98 11.14 16.31
CA ASP A 85 -16.04 9.74 15.89
C ASP A 85 -17.41 9.14 16.14
N THR A 86 -18.20 9.01 15.07
CA THR A 86 -19.52 8.38 15.08
C THR A 86 -19.55 6.92 14.52
N ASN A 87 -18.39 6.36 14.21
CA ASN A 87 -18.32 5.00 13.63
C ASN A 87 -19.29 4.90 12.43
N THR A 88 -19.18 5.86 11.51
CA THR A 88 -19.97 5.79 10.28
C THR A 88 -19.00 5.57 9.15
N ASN A 89 -19.46 4.95 8.05
CA ASN A 89 -18.59 4.56 6.92
C ASN A 89 -17.77 5.68 6.26
N ASN A 90 -18.32 6.89 6.26
CA ASN A 90 -17.68 8.06 5.66
C ASN A 90 -16.46 8.54 6.46
N GLN A 91 -16.25 7.91 7.61
CA GLN A 91 -15.11 8.25 8.48
C GLN A 91 -13.97 7.24 8.36
N TYR A 92 -14.07 6.32 7.40
CA TYR A 92 -13.05 5.29 7.20
C TYR A 92 -12.45 5.44 5.82
N TRP A 93 -11.14 5.16 5.72
CA TRP A 93 -10.37 5.39 4.51
C TRP A 93 -9.44 4.20 4.24
N TYR A 94 -9.53 3.62 3.03
CA TYR A 94 -8.45 2.77 2.54
C TYR A 94 -7.21 3.62 2.32
N LEU A 95 -6.07 3.14 2.80
CA LEU A 95 -4.79 3.78 2.52
C LEU A 95 -4.01 2.78 1.66
N LEU A 96 -3.97 3.08 0.38
CA LEU A 96 -3.47 2.13 -0.62
C LEU A 96 -2.25 2.76 -1.26
N GLN A 97 -1.12 2.04 -1.17
CA GLN A 97 0.17 2.65 -1.39
C GLN A 97 0.91 2.01 -2.58
N ASP A 98 1.58 2.86 -3.33
CA ASP A 98 2.50 2.47 -4.43
C ASP A 98 3.86 2.17 -3.81
N TYR A 99 4.34 0.94 -4.02
CA TYR A 99 5.57 0.49 -3.35
C TYR A 99 6.83 1.36 -3.54
N ILE A 100 7.10 1.76 -4.78
CA ILE A 100 8.33 2.45 -5.11
C ILE A 100 8.28 3.97 -4.77
N SER A 101 7.20 4.63 -5.18
CA SER A 101 7.08 6.07 -4.91
C SER A 101 6.74 6.39 -3.44
N ARG A 102 6.17 5.41 -2.74
CA ARG A 102 5.55 5.55 -1.39
C ARG A 102 4.29 6.42 -1.39
N ASN A 103 3.82 6.85 -2.57
CA ASN A 103 2.58 7.64 -2.67
C ASN A 103 1.35 6.80 -2.27
N VAL A 104 0.37 7.45 -1.64
CA VAL A 104 -0.78 6.81 -1.03
C VAL A 104 -2.06 7.55 -1.51
N ILE A 105 -3.07 6.79 -1.89
CA ILE A 105 -4.44 7.34 -1.99
C ILE A 105 -5.24 7.10 -0.74
N LEU A 106 -6.09 8.06 -0.41
CA LEU A 106 -7.02 7.89 0.70
C LEU A 106 -8.40 7.70 0.07
N ARG A 107 -8.89 6.47 0.07
CA ARG A 107 -10.07 6.12 -0.67
C ARG A 107 -11.19 5.92 0.35
N ASN A 108 -12.26 6.69 0.20
CA ASN A 108 -13.29 6.62 1.22
C ASN A 108 -14.05 5.30 1.24
N TYR A 109 -14.21 4.75 2.43
CA TYR A 109 -14.86 3.44 2.64
C TYR A 109 -16.35 3.43 2.26
N MET A 110 -17.06 4.51 2.57
CA MET A 110 -18.48 4.65 2.21
C MET A 110 -18.75 4.62 0.69
N ASN A 111 -17.86 5.22 -0.09
CA ASN A 111 -17.95 5.20 -1.55
C ASN A 111 -16.54 5.15 -2.14
N PRO A 112 -15.97 3.93 -2.32
CA PRO A 112 -14.58 3.81 -2.80
C PRO A 112 -14.24 4.28 -4.21
N ASN A 113 -15.25 4.69 -4.98
CA ASN A 113 -14.93 5.50 -6.15
C ASN A 113 -14.27 6.83 -5.78
N LEU A 114 -14.47 7.30 -4.55
CA LEU A 114 -14.01 8.64 -4.14
C LEU A 114 -12.70 8.60 -3.35
N VAL A 115 -11.76 9.45 -3.73
CA VAL A 115 -10.50 9.59 -2.98
C VAL A 115 -10.34 11.05 -2.54
N LEU A 116 -9.54 11.24 -1.49
CA LEU A 116 -9.13 12.56 -1.11
C LEU A 116 -8.25 13.24 -2.20
N GLN A 117 -8.51 14.53 -2.42
CA GLN A 117 -7.77 15.33 -3.38
C GLN A 117 -7.48 16.73 -2.81
N TYR A 118 -6.30 17.22 -3.09
CA TYR A 118 -5.94 18.59 -2.73
C TYR A 118 -5.96 19.45 -3.99
N ASN A 119 -6.57 20.63 -3.85
CA ASN A 119 -6.65 21.64 -4.94
C ASN A 119 -5.53 22.67 -4.86
N THR A 120 -5.38 23.45 -5.92
CA THR A 120 -4.41 24.51 -5.99
C THR A 120 -4.65 25.52 -4.86
N ASP A 121 -5.89 25.68 -4.45
CA ASP A 121 -6.21 26.66 -3.40
C ASP A 121 -5.93 26.07 -1.99
N ASP A 122 -5.42 24.83 -1.97
CA ASP A 122 -5.03 24.13 -0.74
C ASP A 122 -6.23 23.58 0.01
N THR A 123 -7.43 23.62 -0.60
CA THR A 123 -8.58 22.98 0.06
C THR A 123 -8.52 21.47 -0.23
N LEU A 124 -9.23 20.68 0.59
CA LEU A 124 -9.36 19.25 0.39
C LEU A 124 -10.79 18.87 0.03
N ILE A 125 -10.90 17.96 -0.95
CA ILE A 125 -12.16 17.51 -1.47
C ILE A 125 -12.08 16.01 -1.73
N VAL A 126 -13.22 15.35 -1.90
CA VAL A 126 -13.22 14.00 -2.51
C VAL A 126 -13.66 14.02 -3.98
N SER A 127 -13.11 13.11 -4.78
CA SER A 127 -13.31 13.10 -6.21
C SER A 127 -13.18 11.70 -6.78
N THR A 128 -13.82 11.45 -7.92
CA THR A 128 -13.52 10.21 -8.64
C THR A 128 -12.06 10.27 -9.10
N GLN A 129 -11.49 9.12 -9.44
CA GLN A 129 -10.05 8.98 -9.53
C GLN A 129 -9.42 9.33 -10.89
N THR A 130 -8.29 10.03 -10.85
CA THR A 130 -7.59 10.49 -12.05
C THR A 130 -6.13 10.08 -11.97
N ASN A 131 -5.34 10.46 -13.00
CA ASN A 131 -3.89 10.25 -13.07
C ASN A 131 -3.10 11.42 -12.43
N SER A 132 -3.80 12.36 -11.81
CA SER A 132 -3.16 13.58 -11.32
C SER A 132 -2.47 13.27 -9.99
N ASN A 133 -1.30 13.87 -9.79
CA ASN A 133 -0.64 13.79 -8.48
C ASN A 133 -1.41 14.50 -7.38
N ASN A 134 -2.49 15.22 -7.74
CA ASN A 134 -3.29 15.87 -6.69
C ASN A 134 -4.17 14.90 -5.90
N GLN A 135 -4.04 13.60 -6.21
CA GLN A 135 -4.71 12.55 -5.45
C GLN A 135 -3.71 11.63 -4.75
N PHE A 136 -2.42 11.95 -4.87
CA PHE A 136 -1.39 11.18 -4.15
C PHE A 136 -0.84 11.99 -2.98
N PHE A 137 -0.69 11.31 -1.84
CA PHE A 137 -0.16 11.91 -0.62
C PHE A 137 1.02 11.11 -0.08
N LYS A 138 1.90 11.78 0.68
CA LYS A 138 2.97 11.08 1.35
C LYS A 138 2.76 11.14 2.86
N PHE A 139 3.24 10.10 3.53
CA PHE A 139 3.01 9.89 4.96
C PHE A 139 4.38 9.80 5.61
N SER A 140 4.61 10.61 6.65
CA SER A 140 5.91 10.66 7.32
C SER A 140 5.65 10.50 8.83
N ASN A 141 6.26 9.49 9.43
CA ASN A 141 6.11 9.24 10.86
C ASN A 141 6.75 10.39 11.68
N CYS A 142 5.92 11.03 12.50
CA CYS A 142 6.27 12.26 13.25
C CYS A 142 7.42 12.01 14.20
N ILE A 143 7.35 10.90 14.93
CA ILE A 143 8.34 10.60 15.99
C ILE A 143 9.73 10.27 15.41
N TYR A 144 9.75 9.47 14.35
CA TYR A 144 10.99 9.13 13.66
C TYR A 144 11.66 10.39 13.12
N GLU A 145 10.84 11.27 12.53
CA GLU A 145 11.36 12.55 12.06
C GLU A 145 12.04 13.38 13.17
N ALA A 146 11.35 13.46 14.33
CA ALA A 146 11.78 14.36 15.41
C ALA A 146 12.94 13.78 16.21
N LEU A 147 12.93 12.47 16.43
CA LEU A 147 13.80 11.85 17.44
C LEU A 147 14.92 10.96 16.92
N ASN A 148 14.83 10.46 15.70
CA ASN A 148 15.81 9.45 15.31
C ASN A 148 17.27 9.90 15.31
N ASN A 149 18.13 9.10 15.93
CA ASN A 149 19.55 9.40 16.10
C ASN A 149 19.85 10.68 16.88
N ARG A 150 18.92 11.09 17.74
CA ARG A 150 19.11 12.30 18.53
C ARG A 150 19.45 11.93 19.96
N ASN A 151 20.31 12.75 20.57
CA ASN A 151 20.60 12.65 22.00
C ASN A 151 19.56 13.46 22.75
N CYS A 152 18.85 12.78 23.65
CA CYS A 152 17.68 13.33 24.30
C CYS A 152 17.70 13.23 25.83
N LYS A 153 16.90 14.10 26.44
CA LYS A 153 16.58 14.06 27.87
C LYS A 153 15.11 13.77 28.05
N LEU A 154 14.76 13.00 29.09
CA LEU A 154 13.40 12.58 29.27
C LEU A 154 12.88 12.96 30.65
N GLN A 155 11.94 13.89 30.70
CA GLN A 155 11.28 14.28 31.98
C GLN A 155 10.11 13.39 32.21
N THR A 156 9.88 13.01 33.47
CA THR A 156 8.59 12.49 33.85
C THR A 156 7.56 13.65 33.87
N GLN A 157 6.34 13.40 33.41
CA GLN A 157 5.25 14.36 33.51
C GLN A 157 4.94 14.75 34.97
N LEU A 158 5.37 13.91 35.90
CA LEU A 158 5.15 14.13 37.33
C LEU A 158 5.87 15.38 37.84
N ASN A 159 7.02 15.70 37.26
CA ASN A 159 7.86 16.80 37.76
C ASN A 159 8.88 17.27 36.73
N SER A 160 8.88 18.58 36.42
CA SER A 160 9.75 19.14 35.38
C SER A 160 11.26 19.03 35.64
N ASP A 161 11.67 18.78 36.90
CA ASP A 161 13.09 18.55 37.19
C ASP A 161 13.34 17.12 37.69
N ARG A 162 12.59 16.14 37.16
CA ARG A 162 12.91 14.73 37.39
C ARG A 162 13.05 14.01 36.05
N PHE A 163 14.25 13.46 35.80
CA PHE A 163 14.67 12.93 34.52
C PHE A 163 15.06 11.48 34.58
N LEU A 164 14.89 10.80 33.45
CA LEU A 164 15.28 9.40 33.33
C LEU A 164 16.78 9.36 33.46
N SER A 165 17.27 8.63 34.48
CA SER A 165 18.71 8.70 34.86
C SER A 165 19.26 7.36 35.28
N LYS A 166 20.36 6.92 34.66
CA LYS A 166 21.09 5.79 35.22
C LYS A 166 21.61 6.23 36.62
N ASN A 167 21.41 5.40 37.62
CA ASN A 167 21.98 5.65 38.95
C ASN A 167 23.50 5.67 38.91
N LEU A 168 24.10 6.49 39.77
CA LEU A 168 25.54 6.47 39.96
C LEU A 168 25.95 5.09 40.49
N ASN A 169 26.97 4.49 39.89
CA ASN A 169 27.52 3.16 40.32
C ASN A 169 26.54 1.98 40.37
N SER A 170 25.51 2.02 39.52
CA SER A 170 24.54 0.94 39.47
C SER A 170 24.01 0.92 38.04
N GLN A 171 23.49 -0.22 37.57
CA GLN A 171 22.83 -0.26 36.25
C GLN A 171 21.37 0.21 36.32
N ILE A 172 20.87 0.35 37.52
CA ILE A 172 19.45 0.61 37.75
C ILE A 172 19.10 2.03 37.30
N ILE A 173 17.93 2.17 36.68
CA ILE A 173 17.51 3.45 36.16
C ILE A 173 16.41 4.03 37.03
N VAL A 174 16.58 5.32 37.35
CA VAL A 174 15.75 5.97 38.34
C VAL A 174 15.42 7.39 37.85
N LEU A 175 14.61 8.07 38.62
CA LEU A 175 14.40 9.49 38.44
C LEU A 175 15.46 10.24 39.23
N TRP A 176 15.95 11.32 38.65
CA TRP A 176 16.89 12.25 39.30
C TRP A 176 16.78 13.68 38.76
N GLN A 177 17.00 14.68 39.64
CA GLN A 177 17.12 16.07 39.24
C GLN A 177 18.18 16.20 38.16
N TRP A 178 18.02 17.19 37.29
CA TRP A 178 19.04 17.49 36.28
C TRP A 178 20.35 17.97 36.92
N PHE A 179 21.43 17.27 36.58
CA PHE A 179 22.79 17.74 36.90
C PHE A 179 23.67 17.74 35.64
N ASP A 180 23.04 17.72 34.45
CA ASP A 180 23.76 17.68 33.16
C ASP A 180 24.66 16.44 33.04
N SER A 181 24.28 15.36 33.70
CA SER A 181 25.08 14.13 33.67
C SER A 181 24.92 13.29 32.38
N SER A 182 26.00 12.65 31.95
CA SER A 182 25.96 11.71 30.84
C SER A 182 25.02 10.56 31.20
N ARG A 183 24.81 10.32 32.52
CA ARG A 183 23.86 9.30 32.97
C ARG A 183 22.39 9.65 32.63
N GLN A 184 22.15 10.88 32.21
CA GLN A 184 20.81 11.43 32.02
C GLN A 184 20.52 11.76 30.54
N LYS A 185 21.39 11.27 29.66
CA LYS A 185 21.36 11.59 28.24
C LYS A 185 21.26 10.30 27.44
N TRP A 186 20.27 10.27 26.55
CA TRP A 186 19.83 9.05 25.92
C TRP A 186 19.79 9.19 24.40
N THR A 187 20.57 8.38 23.71
CA THR A 187 20.56 8.37 22.24
C THR A 187 19.44 7.47 21.78
N ILE A 188 18.48 8.08 21.10
CA ILE A 188 17.32 7.36 20.58
C ILE A 188 17.59 6.92 19.15
N GLU A 189 17.48 5.61 18.91
CA GLU A 189 17.83 5.07 17.58
C GLU A 189 16.82 4.01 17.17
N TYR A 190 16.36 4.13 15.94
CA TYR A 190 15.35 3.23 15.38
C TYR A 190 16.04 2.00 14.85
N ASN A 191 15.52 0.85 15.21
CA ASN A 191 16.03 -0.43 14.70
C ASN A 191 15.09 -0.93 13.60
N GLU A 192 15.59 -0.99 12.38
CA GLU A 192 14.78 -1.43 11.22
C GLU A 192 14.21 -2.82 11.42
N THR A 193 14.98 -3.77 11.95
CA THR A 193 14.42 -5.15 12.04
C THR A 193 13.29 -5.28 13.06
N LYS A 194 13.41 -4.56 14.18
CA LYS A 194 12.39 -4.58 15.22
C LYS A 194 11.26 -3.58 14.99
N SER A 195 11.45 -2.63 14.06
CA SER A 195 10.55 -1.46 13.88
C SER A 195 10.23 -0.79 15.23
N ALA A 196 11.28 -0.55 16.01
CA ALA A 196 11.15 0.02 17.35
C ALA A 196 12.47 0.62 17.75
N TYR A 197 12.48 1.33 18.89
CA TYR A 197 13.66 2.11 19.26
C TYR A 197 14.46 1.52 20.40
N THR A 198 15.75 1.80 20.38
CA THR A 198 16.57 1.69 21.60
C THR A 198 16.94 3.09 22.12
N LEU A 199 17.30 3.14 23.41
CA LEU A 199 17.73 4.35 24.08
C LEU A 199 19.03 4.00 24.80
N LYS A 200 20.11 4.62 24.34
CA LYS A 200 21.48 4.35 24.78
C LYS A 200 21.97 5.43 25.77
N CYS A 201 22.30 5.00 26.98
CA CYS A 201 22.84 5.92 28.01
C CYS A 201 24.22 6.41 27.54
N GLN A 202 24.39 7.71 27.53
CA GLN A 202 25.69 8.28 27.16
C GLN A 202 26.85 7.84 28.11
N GLU A 203 26.56 7.64 29.39
CA GLU A 203 27.63 7.31 30.34
C GLU A 203 28.37 6.02 30.00
N ASN A 204 27.63 4.97 29.65
CA ASN A 204 28.22 3.63 29.54
C ASN A 204 27.92 2.91 28.22
N ASN A 205 27.23 3.61 27.31
CA ASN A 205 26.87 3.01 26.00
C ASN A 205 26.00 1.74 26.09
N ARG A 206 25.23 1.63 27.18
CA ARG A 206 24.33 0.49 27.34
C ARG A 206 22.89 1.01 27.28
N TYR A 207 21.94 0.08 27.18
CA TYR A 207 20.59 0.44 26.72
C TYR A 207 19.51 0.28 27.78
N LEU A 208 18.55 1.21 27.75
CA LEU A 208 17.28 1.10 28.49
C LEU A 208 16.58 -0.24 28.23
N THR A 209 16.52 -1.09 29.27
CA THR A 209 16.08 -2.48 29.10
C THR A 209 15.23 -2.89 30.29
N TRP A 210 14.09 -3.55 30.00
CA TRP A 210 13.26 -4.17 31.01
C TRP A 210 13.97 -5.40 31.58
N ILE A 211 14.26 -5.38 32.88
CA ILE A 211 14.79 -6.58 33.54
C ILE A 211 13.64 -7.32 34.21
N GLN A 212 13.37 -8.53 33.72
CA GLN A 212 12.12 -9.22 34.05
C GLN A 212 12.22 -10.10 35.30
N ASN A 213 11.63 -9.59 36.36
CA ASN A 213 11.54 -10.28 37.65
C ASN A 213 10.50 -9.50 38.45
N SER A 214 10.34 -9.82 39.73
CA SER A 214 9.27 -9.23 40.54
C SER A 214 9.40 -7.69 40.64
N ASN A 215 10.61 -7.15 40.55
CA ASN A 215 10.82 -5.70 40.63
C ASN A 215 10.47 -4.98 39.33
N ASN A 216 10.69 -5.66 38.20
CA ASN A 216 10.42 -5.07 36.86
C ASN A 216 11.09 -3.71 36.65
N TYR A 217 12.30 -3.55 37.18
CA TYR A 217 13.04 -2.31 36.97
C TYR A 217 13.53 -2.23 35.53
N VAL A 218 13.69 -1.01 35.01
CA VAL A 218 14.54 -0.82 33.84
C VAL A 218 15.97 -0.63 34.31
N GLU A 219 16.91 -1.19 33.58
CA GLU A 219 18.34 -1.00 33.83
C GLU A 219 19.04 -0.76 32.50
N THR A 220 20.24 -0.21 32.56
CA THR A 220 21.10 -0.19 31.37
C THR A 220 21.64 -1.62 31.18
N TYR A 221 21.50 -2.16 29.98
CA TYR A 221 21.88 -3.55 29.69
C TYR A 221 22.69 -3.59 28.38
N GLN A 222 23.56 -4.61 28.22
CA GLN A 222 24.32 -4.78 26.98
C GLN A 222 23.35 -4.94 25.81
N SER A 223 23.86 -4.63 24.62
CA SER A 223 23.18 -4.87 23.38
C SER A 223 22.61 -6.29 23.33
N THR A 224 21.33 -6.39 22.96
CA THR A 224 20.67 -7.66 22.75
C THR A 224 19.61 -7.58 21.65
N ASP A 225 19.34 -8.73 21.05
CA ASP A 225 18.20 -8.89 20.15
C ASP A 225 16.89 -9.11 20.90
N SER A 226 16.96 -9.33 22.20
CA SER A 226 15.77 -9.59 23.02
C SER A 226 14.85 -8.38 23.02
N LEU A 227 13.56 -8.65 22.84
CA LEU A 227 12.53 -7.60 22.74
C LEU A 227 12.49 -6.66 23.94
N ILE A 228 13.01 -7.12 25.06
CA ILE A 228 13.05 -6.33 26.33
C ILE A 228 13.78 -4.98 26.19
N GLN A 229 14.62 -4.86 25.15
CA GLN A 229 15.45 -3.68 24.95
C GLN A 229 14.85 -2.71 23.92
N TYR A 230 13.69 -3.06 23.37
CA TYR A 230 13.11 -2.28 22.25
C TYR A 230 11.83 -1.61 22.69
N TRP A 231 11.60 -0.39 22.20
CA TRP A 231 10.49 0.40 22.70
C TRP A 231 9.71 1.03 21.55
N ASN A 232 8.39 0.86 21.58
CA ASN A 232 7.50 1.65 20.70
C ASN A 232 7.32 3.02 21.36
N ILE A 233 8.06 4.00 20.87
CA ILE A 233 7.91 5.37 21.37
C ILE A 233 6.70 5.93 20.63
N ASN A 234 5.64 6.28 21.37
CA ASN A 234 4.41 6.77 20.74
C ASN A 234 3.90 7.98 21.51
N TYR A 235 2.93 8.70 20.94
CA TYR A 235 2.25 9.75 21.67
C TYR A 235 1.15 9.18 22.54
N LEU A 236 0.80 9.91 23.60
CA LEU A 236 -0.44 9.63 24.30
C LEU A 236 -1.59 9.47 23.28
N ASP A 237 -2.53 8.59 23.58
CA ASP A 237 -3.78 8.35 22.84
C ASP A 237 -4.16 9.54 21.92
N ASN A 238 -4.49 10.67 22.53
CA ASN A 238 -5.10 11.78 21.82
C ASN A 238 -4.25 13.04 21.79
N ASP A 239 -3.04 12.97 22.36
CA ASP A 239 -2.21 14.15 22.61
C ASP A 239 -0.72 14.01 22.21
N ALA A 240 -0.33 14.73 21.16
CA ALA A 240 1.04 14.67 20.63
C ALA A 240 2.14 15.44 21.42
N SER A 241 1.81 16.03 22.55
CA SER A 241 2.83 16.72 23.33
C SER A 241 3.49 15.80 24.36
N LYS A 242 3.01 14.58 24.51
CA LYS A 242 3.49 13.68 25.59
C LYS A 242 3.71 12.30 25.02
N TYR A 243 4.63 11.55 25.60
CA TYR A 243 4.95 10.23 25.11
C TYR A 243 4.63 9.12 26.09
N ILE A 244 4.29 7.97 25.52
CA ILE A 244 4.21 6.67 26.17
C ILE A 244 5.28 5.78 25.50
N LEU A 245 6.05 5.05 26.32
CA LEU A 245 7.02 4.09 25.80
C LEU A 245 6.58 2.64 26.12
N TYR A 246 6.04 1.98 25.09
CA TYR A 246 5.59 0.58 25.20
C TYR A 246 6.77 -0.37 24.98
N ASN A 247 6.96 -1.30 25.89
CA ASN A 247 8.04 -2.29 25.69
C ASN A 247 7.61 -3.39 24.71
N LEU A 248 8.49 -3.71 23.74
CA LEU A 248 8.13 -4.68 22.69
C LEU A 248 7.97 -6.10 23.20
N GLN A 249 8.64 -6.44 24.32
CA GLN A 249 8.42 -7.75 24.97
C GLN A 249 6.94 -8.00 25.40
N ASP A 250 6.26 -6.93 25.80
CA ASP A 250 4.84 -6.97 26.14
C ASP A 250 4.28 -5.57 25.97
N THR A 251 3.59 -5.34 24.85
CA THR A 251 3.18 -3.96 24.52
C THR A 251 1.98 -3.47 25.32
N ASN A 252 1.45 -4.31 26.20
CA ASN A 252 0.53 -3.86 27.22
C ASN A 252 1.23 -3.22 28.43
N ARG A 253 2.57 -3.18 28.39
CA ARG A 253 3.38 -2.61 29.46
C ARG A 253 4.30 -1.51 28.96
N VAL A 254 4.53 -0.53 29.83
CA VAL A 254 5.10 0.73 29.45
C VAL A 254 6.09 1.20 30.53
N LEU A 255 6.97 2.11 30.13
CA LEU A 255 7.90 2.79 31.03
C LEU A 255 7.12 3.65 32.07
N ASP A 256 7.40 3.43 33.36
CA ASP A 256 6.42 3.79 34.41
C ASP A 256 7.17 4.22 35.69
N VAL A 257 6.82 5.37 36.27
CA VAL A 257 7.49 5.85 37.49
C VAL A 257 6.77 5.19 38.69
N TYR A 258 7.53 4.45 39.51
CA TYR A 258 6.93 3.55 40.49
C TYR A 258 6.06 4.32 41.51
N ASN A 259 4.76 4.02 41.52
CA ASN A 259 3.75 4.63 42.43
C ASN A 259 3.65 6.16 42.37
N SER A 260 4.03 6.73 41.22
CA SER A 260 4.08 8.17 40.98
C SER A 260 4.91 8.96 42.00
N GLN A 261 5.89 8.32 42.63
CA GLN A 261 6.81 9.04 43.51
C GLN A 261 7.79 9.89 42.71
N THR A 262 8.26 10.98 43.31
CA THR A 262 9.08 11.92 42.59
C THR A 262 10.49 12.15 43.18
N ALA A 263 10.75 11.58 44.37
CA ALA A 263 12.07 11.80 45.00
C ALA A 263 13.23 11.25 44.14
N ASN A 264 14.40 11.89 44.23
CA ASN A 264 15.62 11.37 43.61
C ASN A 264 15.80 9.92 44.01
N GLY A 265 16.04 9.07 43.00
CA GLY A 265 16.22 7.66 43.23
C GLY A 265 14.99 6.80 43.07
N THR A 266 13.83 7.40 42.82
CA THR A 266 12.58 6.67 42.60
C THR A 266 12.75 5.68 41.44
N HIS A 267 12.33 4.42 41.61
CA HIS A 267 12.55 3.44 40.54
C HIS A 267 11.68 3.68 39.32
N VAL A 268 12.29 3.52 38.14
CA VAL A 268 11.49 3.45 36.92
C VAL A 268 11.36 1.95 36.57
N ILE A 269 10.17 1.58 36.12
CA ILE A 269 9.77 0.19 35.96
C ILE A 269 8.98 0.02 34.66
N VAL A 270 8.69 -1.23 34.33
CA VAL A 270 7.74 -1.57 33.28
C VAL A 270 6.47 -2.11 33.93
N ASP A 271 5.32 -1.51 33.64
CA ASP A 271 4.07 -1.96 34.25
C ASP A 271 2.90 -1.79 33.29
N SER A 272 1.76 -2.39 33.63
CA SER A 272 0.56 -2.38 32.80
C SER A 272 0.15 -0.98 32.48
N TYR A 273 -0.13 -0.77 31.20
CA TYR A 273 -0.54 0.54 30.72
C TYR A 273 -1.87 0.95 31.35
N HIS A 274 -1.90 2.20 31.81
CA HIS A 274 -3.15 2.91 32.09
C HIS A 274 -3.12 4.33 31.52
N GLY A 275 -1.93 4.86 31.22
CA GLY A 275 -1.82 6.20 30.64
C GLY A 275 -1.88 7.35 31.63
N ASN A 276 -1.88 7.03 32.92
CA ASN A 276 -1.78 8.06 33.98
C ASN A 276 -0.48 8.85 33.93
N THR A 277 -0.45 9.93 34.70
CA THR A 277 0.68 10.84 34.70
C THR A 277 2.03 10.14 34.84
N ASN A 278 2.12 9.15 35.71
CA ASN A 278 3.40 8.47 35.94
C ASN A 278 3.90 7.62 34.76
N GLN A 279 3.06 7.48 33.73
CA GLN A 279 3.50 6.77 32.50
C GLN A 279 3.79 7.70 31.32
N GLN A 280 3.69 9.02 31.56
CA GLN A 280 3.84 10.03 30.51
C GLN A 280 5.24 10.66 30.58
N TRP A 281 5.88 10.76 29.41
CA TRP A 281 7.25 11.24 29.30
C TRP A 281 7.30 12.40 28.30
N ILE A 282 8.15 13.36 28.61
CA ILE A 282 8.37 14.55 27.81
C ILE A 282 9.81 14.46 27.32
N ILE A 283 9.96 14.28 26.02
CA ILE A 283 11.26 13.99 25.43
C ILE A 283 11.71 15.22 24.69
N ASN A 284 12.93 15.65 24.94
CA ASN A 284 13.49 16.82 24.25
C ASN A 284 14.93 16.59 23.87
N LEU A 285 15.35 17.29 22.82
CA LEU A 285 16.74 17.25 22.39
C LEU A 285 17.63 17.81 23.47
N ILE A 286 18.83 17.25 23.57
CA ILE A 286 19.82 17.72 24.50
C ILE A 286 20.46 19.00 23.94
N SER B 2 3.97 -9.59 4.36
CA SER B 2 3.62 -9.78 5.81
C SER B 2 4.72 -10.66 6.45
N GLN B 3 5.39 -10.13 7.48
CA GLN B 3 6.71 -10.62 7.89
C GLN B 3 7.74 -10.62 6.73
N THR B 4 7.88 -11.66 5.87
CA THR B 4 8.89 -11.53 4.78
C THR B 4 8.60 -10.33 3.85
N ASN B 5 9.67 -9.64 3.46
CA ASN B 5 9.59 -8.59 2.43
C ASN B 5 9.70 -9.18 1.01
N ALA B 6 9.81 -10.50 0.92
CA ALA B 6 10.17 -11.14 -0.38
C ALA B 6 9.04 -10.99 -1.41
N ASN B 7 7.81 -10.76 -0.94
CA ASN B 7 6.66 -10.59 -1.82
C ASN B 7 6.34 -9.13 -2.16
N ASP B 8 7.22 -8.21 -1.75
CA ASP B 8 7.03 -6.78 -2.07
C ASP B 8 7.06 -6.52 -3.57
N LEU B 9 6.35 -5.45 -3.97
CA LEU B 9 6.02 -5.19 -5.38
C LEU B 9 7.18 -4.56 -6.14
N ARG B 10 8.32 -5.22 -6.03
CA ARG B 10 9.53 -4.71 -6.64
C ARG B 10 9.50 -4.70 -8.15
N ASN B 11 10.16 -3.68 -8.72
CA ASN B 11 10.40 -3.67 -10.15
C ASN B 11 11.17 -4.94 -10.61
N ASN B 12 10.73 -5.49 -11.73
CA ASN B 12 11.36 -6.64 -12.38
C ASN B 12 11.31 -7.99 -11.64
N GLU B 13 10.51 -8.05 -10.59
CA GLU B 13 10.24 -9.35 -9.96
C GLU B 13 9.02 -9.99 -10.56
N VAL B 14 8.89 -11.29 -10.31
CA VAL B 14 7.89 -12.12 -10.99
C VAL B 14 6.98 -12.82 -9.98
N PHE B 15 5.67 -12.79 -10.25
CA PHE B 15 4.66 -13.11 -9.24
C PHE B 15 3.56 -14.02 -9.73
N PHE B 16 2.98 -14.76 -8.80
CA PHE B 16 1.60 -15.28 -8.90
C PHE B 16 0.69 -14.16 -8.41
N ILE B 17 -0.36 -13.92 -9.18
CA ILE B 17 -1.39 -12.93 -8.78
C ILE B 17 -2.68 -13.70 -8.52
N SER B 18 -3.09 -13.76 -7.26
CA SER B 18 -4.23 -14.57 -6.84
C SER B 18 -5.37 -13.68 -6.27
N PRO B 19 -6.63 -14.16 -6.39
CA PRO B 19 -7.72 -13.46 -5.76
C PRO B 19 -7.50 -13.52 -4.23
N SER B 20 -7.83 -12.43 -3.55
CA SER B 20 -7.68 -12.42 -2.10
C SER B 20 -8.48 -13.52 -1.39
N ASN B 21 -9.57 -13.99 -2.01
CA ASN B 21 -10.40 -15.04 -1.39
C ASN B 21 -9.95 -16.50 -1.64
N ASN B 22 -8.88 -16.72 -2.40
CA ASN B 22 -8.49 -18.10 -2.74
C ASN B 22 -7.04 -18.18 -3.15
N THR B 23 -6.15 -18.58 -2.23
CA THR B 23 -4.72 -18.68 -2.56
C THR B 23 -4.34 -19.82 -3.58
N ASN B 24 -5.30 -20.71 -3.83
CA ASN B 24 -5.12 -21.82 -4.82
C ASN B 24 -5.63 -21.53 -6.22
N LYS B 25 -6.02 -20.28 -6.44
CA LYS B 25 -6.28 -19.80 -7.78
C LYS B 25 -5.30 -18.68 -8.11
N VAL B 26 -4.96 -18.59 -9.40
CA VAL B 26 -4.06 -17.56 -9.88
C VAL B 26 -4.54 -17.03 -11.23
N LEU B 27 -4.14 -15.81 -11.54
CA LEU B 27 -4.24 -15.24 -12.88
C LEU B 27 -3.46 -16.15 -13.86
N ASP B 28 -4.14 -16.58 -14.93
CA ASP B 28 -3.62 -17.61 -15.84
C ASP B 28 -3.86 -17.19 -17.29
N LYS B 29 -2.80 -17.08 -18.09
CA LYS B 29 -2.94 -16.95 -19.54
C LYS B 29 -3.40 -18.31 -20.11
N ILE B 30 -4.65 -18.38 -20.54
CA ILE B 30 -5.22 -19.70 -20.92
C ILE B 30 -5.12 -20.00 -22.43
N SER B 31 -4.78 -18.98 -23.21
CA SER B 31 -4.72 -19.08 -24.67
C SER B 31 -3.80 -17.97 -25.18
N GLN B 32 -3.76 -17.76 -26.50
CA GLN B 32 -2.92 -16.74 -27.11
C GLN B 32 -3.29 -15.31 -26.71
N SER B 33 -4.53 -15.12 -26.29
CA SER B 33 -5.10 -13.79 -26.05
C SER B 33 -5.86 -13.68 -24.71
N GLU B 34 -6.17 -14.82 -24.08
CA GLU B 34 -7.14 -14.80 -22.97
C GLU B 34 -6.51 -15.05 -21.61
N VAL B 35 -7.11 -14.39 -20.61
CA VAL B 35 -6.71 -14.56 -19.24
C VAL B 35 -7.95 -14.93 -18.41
N LYS B 36 -7.75 -15.76 -17.39
CA LYS B 36 -8.80 -16.21 -16.48
C LYS B 36 -8.14 -16.57 -15.16
N LEU B 37 -8.89 -16.64 -14.06
CA LEU B 37 -8.32 -17.32 -12.88
C LEU B 37 -8.35 -18.82 -13.13
N TRP B 38 -7.35 -19.53 -12.61
CA TRP B 38 -7.23 -20.98 -12.81
C TRP B 38 -6.62 -21.62 -11.57
N ASN B 39 -6.89 -22.91 -11.36
CA ASN B 39 -6.22 -23.66 -10.30
C ASN B 39 -4.70 -23.45 -10.38
N LYS B 40 -4.05 -23.25 -9.24
CA LYS B 40 -2.61 -22.96 -9.23
C LYS B 40 -1.80 -24.22 -9.57
N LEU B 41 -0.97 -24.13 -10.60
CA LEU B 41 -0.09 -25.24 -11.09
C LEU B 41 1.37 -24.81 -11.17
N SER B 42 1.62 -23.53 -10.93
CA SER B 42 2.97 -22.93 -11.04
C SER B 42 3.58 -23.09 -12.43
N GLY B 43 2.76 -23.11 -13.49
CA GLY B 43 3.24 -23.06 -14.88
C GLY B 43 3.65 -21.66 -15.28
N ALA B 44 4.51 -21.51 -16.29
CA ALA B 44 5.02 -20.19 -16.68
C ALA B 44 3.93 -19.19 -17.15
N ASN B 45 2.80 -19.72 -17.62
CA ASN B 45 1.65 -18.89 -18.07
C ASN B 45 0.81 -18.38 -16.90
N GLN B 46 1.22 -18.76 -15.68
CA GLN B 46 0.67 -18.27 -14.41
C GLN B 46 1.63 -17.29 -13.67
N LYS B 47 2.72 -16.90 -14.31
CA LYS B 47 3.75 -16.07 -13.68
C LYS B 47 3.84 -14.76 -14.43
N TRP B 48 3.97 -13.67 -13.67
CA TRP B 48 3.82 -12.30 -14.20
C TRP B 48 4.93 -11.38 -13.69
N ARG B 49 5.70 -10.83 -14.63
CA ARG B 49 6.74 -9.86 -14.30
C ARG B 49 6.14 -8.46 -14.22
N LEU B 50 6.53 -7.77 -13.14
CA LEU B 50 6.18 -6.39 -12.97
C LEU B 50 7.31 -5.47 -13.50
N ILE B 51 6.96 -4.53 -14.38
CA ILE B 51 7.94 -3.58 -14.86
C ILE B 51 7.38 -2.20 -14.60
N TYR B 52 8.06 -1.44 -13.74
CA TYR B 52 7.57 -0.14 -13.29
C TYR B 52 7.94 0.97 -14.28
N ASP B 53 7.03 1.91 -14.46
CA ASP B 53 7.29 3.12 -15.23
C ASP B 53 7.32 4.29 -14.24
N THR B 54 8.49 4.88 -14.06
CA THR B 54 8.67 5.89 -12.99
C THR B 54 7.88 7.19 -13.24
N ASN B 55 7.62 7.52 -14.50
CA ASN B 55 6.86 8.73 -14.85
C ASN B 55 5.39 8.52 -14.50
N LYS B 56 4.87 7.33 -14.79
CA LYS B 56 3.45 7.01 -14.54
C LYS B 56 3.17 6.54 -13.11
N GLN B 57 4.20 6.03 -12.41
CA GLN B 57 4.01 5.36 -11.11
C GLN B 57 3.01 4.20 -11.24
N ALA B 58 3.21 3.44 -12.32
CA ALA B 58 2.35 2.30 -12.66
C ALA B 58 3.23 1.30 -13.43
N TYR B 59 2.69 0.11 -13.64
CA TYR B 59 3.44 -1.05 -14.05
C TYR B 59 2.83 -1.64 -15.31
N THR B 60 3.68 -2.25 -16.14
CA THR B 60 3.18 -3.26 -17.05
C THR B 60 3.34 -4.63 -16.36
N ILE B 61 2.46 -5.54 -16.76
CA ILE B 61 2.34 -6.85 -16.12
C ILE B 61 2.43 -7.88 -17.26
N LYS B 62 3.58 -8.54 -17.32
CA LYS B 62 3.96 -9.36 -18.50
C LYS B 62 3.97 -10.82 -18.15
N VAL B 63 3.25 -11.65 -18.93
CA VAL B 63 3.22 -13.08 -18.71
C VAL B 63 4.60 -13.69 -19.07
N MET B 64 4.91 -14.84 -18.48
CA MET B 64 6.30 -15.33 -18.50
C MET B 64 6.46 -16.67 -19.23
N ASP B 65 5.56 -16.93 -20.17
CA ASP B 65 5.61 -18.19 -20.93
C ASP B 65 6.30 -18.01 -22.27
N ASN B 66 7.21 -17.05 -22.34
CA ASN B 66 8.02 -16.78 -23.53
C ASN B 66 7.22 -16.23 -24.70
N THR B 67 6.14 -15.51 -24.41
CA THR B 67 5.28 -14.89 -25.45
C THR B 67 5.32 -13.38 -25.40
N SER B 68 5.73 -12.85 -24.24
CA SER B 68 5.99 -11.42 -24.04
C SER B 68 4.74 -10.54 -23.97
N LEU B 69 3.59 -11.19 -23.84
CA LEU B 69 2.33 -10.47 -23.88
C LEU B 69 2.05 -9.84 -22.52
N ILE B 70 1.28 -8.76 -22.54
CA ILE B 70 1.01 -8.04 -21.31
C ILE B 70 -0.50 -7.86 -21.02
N LEU B 71 -0.82 -7.81 -19.72
CA LEU B 71 -2.17 -7.59 -19.26
C LEU B 71 -2.70 -6.25 -19.76
N THR B 72 -3.84 -6.33 -20.44
CA THR B 72 -4.37 -5.23 -21.22
C THR B 72 -5.85 -5.02 -20.95
N TRP B 73 -6.25 -3.79 -20.67
CA TRP B 73 -7.68 -3.47 -20.60
C TRP B 73 -8.21 -3.15 -22.01
N ASP B 74 -9.14 -3.94 -22.46
CA ASP B 74 -9.69 -3.82 -23.83
C ASP B 74 -10.68 -2.63 -23.94
N ALA B 75 -10.24 -1.41 -23.61
CA ALA B 75 -11.11 -0.22 -23.69
C ALA B 75 -11.78 -0.17 -25.09
N PRO B 76 -13.06 0.23 -25.16
CA PRO B 76 -14.00 0.70 -24.12
C PRO B 76 -14.87 -0.36 -23.45
N LEU B 77 -14.60 -1.64 -23.74
CA LEU B 77 -15.32 -2.75 -23.15
C LEU B 77 -14.84 -2.99 -21.70
N SER B 78 -15.50 -3.92 -21.02
CA SER B 78 -15.15 -4.23 -19.63
C SER B 78 -14.14 -5.38 -19.51
N SER B 79 -13.78 -6.00 -20.63
CA SER B 79 -12.94 -7.19 -20.61
C SER B 79 -11.45 -6.80 -20.57
N VAL B 80 -10.60 -7.78 -20.20
CA VAL B 80 -9.17 -7.62 -20.19
C VAL B 80 -8.58 -8.81 -20.97
N SER B 81 -7.38 -8.64 -21.51
CA SER B 81 -6.73 -9.74 -22.23
C SER B 81 -5.21 -9.65 -22.05
N VAL B 82 -4.49 -10.56 -22.70
CA VAL B 82 -3.04 -10.36 -22.89
C VAL B 82 -2.77 -9.98 -24.36
N LYS B 83 -1.93 -8.98 -24.59
CA LYS B 83 -1.62 -8.48 -25.95
C LYS B 83 -0.18 -7.98 -26.02
N THR B 84 0.32 -7.79 -27.24
CA THR B 84 1.62 -7.16 -27.48
C THR B 84 1.73 -5.81 -26.78
N ASP B 85 2.91 -5.52 -26.25
CA ASP B 85 3.21 -4.25 -25.58
C ASP B 85 3.36 -3.16 -26.62
N THR B 86 2.39 -2.26 -26.67
CA THR B 86 2.44 -1.14 -27.64
C THR B 86 2.57 0.21 -26.96
N ASN B 87 2.89 0.21 -25.68
CA ASN B 87 3.10 1.45 -24.91
C ASN B 87 1.83 2.29 -24.67
N THR B 88 0.65 1.72 -24.91
CA THR B 88 -0.59 2.45 -24.68
C THR B 88 -1.04 2.35 -23.21
N ASN B 89 -1.75 3.37 -22.78
CA ASN B 89 -2.05 3.61 -21.36
C ASN B 89 -2.96 2.57 -20.72
N ASN B 90 -3.72 1.88 -21.56
CA ASN B 90 -4.62 0.83 -21.12
C ASN B 90 -3.87 -0.45 -20.72
N GLN B 91 -2.58 -0.48 -21.00
CA GLN B 91 -1.70 -1.59 -20.62
C GLN B 91 -0.86 -1.32 -19.36
N TYR B 92 -1.08 -0.18 -18.69
CA TYR B 92 -0.41 0.16 -17.41
C TYR B 92 -1.43 0.08 -16.26
N TRP B 93 -0.95 -0.37 -15.09
CA TRP B 93 -1.83 -0.61 -13.95
C TRP B 93 -1.16 -0.01 -12.72
N TYR B 94 -1.86 0.84 -11.96
CA TYR B 94 -1.36 1.15 -10.61
C TYR B 94 -1.51 -0.12 -9.77
N LEU B 95 -0.48 -0.46 -8.99
CA LEU B 95 -0.60 -1.51 -7.98
C LEU B 95 -0.54 -0.82 -6.64
N LEU B 96 -1.72 -0.66 -6.03
CA LEU B 96 -1.83 0.05 -4.75
C LEU B 96 -2.26 -0.92 -3.66
N GLN B 97 -1.41 -0.98 -2.62
CA GLN B 97 -1.43 -2.01 -1.57
C GLN B 97 -1.81 -1.50 -0.19
N ASP B 98 -2.63 -2.30 0.48
CA ASP B 98 -2.93 -2.13 1.89
C ASP B 98 -1.80 -2.74 2.73
N TYR B 99 -1.24 -1.93 3.62
CA TYR B 99 -0.05 -2.32 4.38
C TYR B 99 -0.22 -3.59 5.20
N ILE B 100 -1.31 -3.68 5.97
CA ILE B 100 -1.48 -4.78 6.89
C ILE B 100 -1.96 -6.07 6.20
N SER B 101 -2.98 -5.97 5.35
CA SER B 101 -3.54 -7.19 4.68
C SER B 101 -2.63 -7.70 3.56
N ARG B 102 -1.75 -6.82 3.06
CA ARG B 102 -0.94 -7.01 1.84
C ARG B 102 -1.80 -7.05 0.56
N ASN B 103 -3.10 -6.83 0.69
CA ASN B 103 -4.02 -6.82 -0.49
C ASN B 103 -3.75 -5.67 -1.42
N VAL B 104 -3.92 -5.93 -2.72
CA VAL B 104 -3.56 -5.01 -3.80
C VAL B 104 -4.75 -4.80 -4.76
N ILE B 105 -5.01 -3.56 -5.16
CA ILE B 105 -5.90 -3.32 -6.31
C ILE B 105 -5.02 -3.07 -7.55
N LEU B 106 -5.52 -3.48 -8.70
CA LEU B 106 -4.87 -3.20 -9.94
C LEU B 106 -5.77 -2.16 -10.61
N ARG B 107 -5.33 -0.91 -10.59
CA ARG B 107 -6.17 0.17 -11.08
C ARG B 107 -5.62 0.60 -12.44
N ASN B 108 -6.49 0.65 -13.43
CA ASN B 108 -6.01 0.92 -14.77
C ASN B 108 -5.54 2.38 -14.94
N TYR B 109 -4.38 2.53 -15.58
CA TYR B 109 -3.79 3.86 -15.82
C TYR B 109 -4.60 4.72 -16.82
N MET B 110 -5.10 4.10 -17.89
CA MET B 110 -5.91 4.86 -18.86
C MET B 110 -7.18 5.42 -18.24
N ASN B 111 -7.87 4.59 -17.45
CA ASN B 111 -9.02 5.05 -16.72
C ASN B 111 -9.01 4.59 -15.23
N PRO B 112 -8.42 5.40 -14.34
CA PRO B 112 -8.33 5.02 -12.91
C PRO B 112 -9.63 5.00 -12.14
N ASN B 113 -10.76 5.34 -12.80
CA ASN B 113 -12.03 4.91 -12.24
C ASN B 113 -12.13 3.38 -12.14
N LEU B 114 -11.36 2.65 -12.94
CA LEU B 114 -11.62 1.20 -13.09
C LEU B 114 -10.52 0.36 -12.46
N VAL B 115 -10.92 -0.73 -11.80
CA VAL B 115 -9.99 -1.72 -11.26
C VAL B 115 -10.29 -3.14 -11.77
N LEU B 116 -9.26 -3.98 -11.74
CA LEU B 116 -9.43 -5.39 -12.01
C LEU B 116 -10.36 -6.01 -10.94
N GLN B 117 -11.24 -6.88 -11.41
CA GLN B 117 -12.18 -7.61 -10.56
C GLN B 117 -12.28 -9.07 -11.01
N TYR B 118 -12.27 -9.99 -10.04
CA TYR B 118 -12.56 -11.40 -10.35
C TYR B 118 -14.01 -11.76 -9.97
N ASN B 119 -14.66 -12.46 -10.88
CA ASN B 119 -16.03 -12.92 -10.64
C ASN B 119 -16.05 -14.37 -10.15
N THR B 120 -17.22 -14.82 -9.71
CA THR B 120 -17.39 -16.20 -9.16
C THR B 120 -17.23 -17.26 -10.22
N ASP B 121 -17.32 -16.87 -11.50
CA ASP B 121 -17.08 -17.83 -12.61
C ASP B 121 -15.62 -17.86 -13.07
N ASP B 122 -14.73 -17.29 -12.23
CA ASP B 122 -13.28 -17.15 -12.52
C ASP B 122 -12.89 -16.19 -13.63
N THR B 123 -13.86 -15.49 -14.22
CA THR B 123 -13.50 -14.49 -15.23
C THR B 123 -13.02 -13.19 -14.57
N LEU B 124 -12.26 -12.43 -15.35
CA LEU B 124 -11.71 -11.11 -14.94
C LEU B 124 -12.33 -10.01 -15.78
N ILE B 125 -12.68 -8.90 -15.14
CA ILE B 125 -13.22 -7.73 -15.84
C ILE B 125 -12.60 -6.49 -15.20
N VAL B 126 -12.84 -5.34 -15.78
CA VAL B 126 -12.63 -4.11 -15.03
C VAL B 126 -13.98 -3.60 -14.49
N SER B 127 -13.95 -2.83 -13.41
CA SER B 127 -15.21 -2.43 -12.75
C SER B 127 -14.96 -1.13 -12.01
N THR B 128 -16.02 -0.36 -11.77
CA THR B 128 -15.94 0.72 -10.81
C THR B 128 -15.69 0.12 -9.41
N GLN B 129 -15.31 0.98 -8.46
CA GLN B 129 -14.74 0.48 -7.22
C GLN B 129 -15.74 0.18 -6.14
N THR B 130 -15.51 -0.89 -5.40
CA THR B 130 -16.43 -1.27 -4.32
C THR B 130 -15.68 -1.69 -3.04
N ASN B 131 -16.44 -2.13 -2.04
CA ASN B 131 -15.96 -2.66 -0.78
C ASN B 131 -15.75 -4.19 -0.82
N SER B 132 -15.91 -4.79 -2.00
CA SER B 132 -15.82 -6.24 -2.10
C SER B 132 -14.37 -6.72 -2.18
N ASN B 133 -14.10 -7.88 -1.56
CA ASN B 133 -12.79 -8.52 -1.72
C ASN B 133 -12.55 -9.04 -3.14
N ASN B 134 -13.59 -9.00 -4.00
CA ASN B 134 -13.44 -9.41 -5.42
C ASN B 134 -12.61 -8.38 -6.25
N GLN B 135 -12.14 -7.32 -5.57
CA GLN B 135 -11.24 -6.32 -6.16
C GLN B 135 -9.88 -6.28 -5.48
N PHE B 136 -9.66 -7.16 -4.52
CA PHE B 136 -8.36 -7.28 -3.86
C PHE B 136 -7.65 -8.58 -4.29
N PHE B 137 -6.36 -8.41 -4.63
CA PHE B 137 -5.49 -9.50 -5.08
C PHE B 137 -4.27 -9.57 -4.16
N LYS B 138 -3.70 -10.77 -4.07
CA LYS B 138 -2.44 -11.04 -3.38
C LYS B 138 -1.34 -11.41 -4.37
N PHE B 139 -0.13 -10.90 -4.12
CA PHE B 139 1.03 -11.13 -4.98
C PHE B 139 2.05 -11.97 -4.22
N SER B 140 2.50 -13.06 -4.81
CA SER B 140 3.47 -13.98 -4.20
C SER B 140 4.62 -14.14 -5.18
N ASN B 141 5.81 -13.80 -4.71
CA ASN B 141 7.00 -13.93 -5.50
C ASN B 141 7.29 -15.41 -5.82
N CYS B 142 7.30 -15.76 -7.12
CA CYS B 142 7.38 -17.18 -7.52
C CYS B 142 8.67 -17.86 -7.05
N ILE B 143 9.80 -17.16 -7.24
CA ILE B 143 11.12 -17.74 -6.97
C ILE B 143 11.28 -17.99 -5.45
N TYR B 144 10.84 -17.01 -4.65
CA TYR B 144 10.84 -17.17 -3.18
C TYR B 144 10.01 -18.38 -2.74
N GLU B 145 8.79 -18.47 -3.29
CA GLU B 145 7.94 -19.61 -2.98
C GLU B 145 8.58 -20.97 -3.33
N ALA B 146 9.17 -21.06 -4.54
CA ALA B 146 9.75 -22.31 -5.05
C ALA B 146 11.07 -22.68 -4.39
N LEU B 147 11.93 -21.70 -4.11
CA LEU B 147 13.33 -22.00 -3.83
C LEU B 147 13.78 -21.72 -2.40
N ASN B 148 13.04 -20.89 -1.65
CA ASN B 148 13.56 -20.50 -0.36
C ASN B 148 13.78 -21.69 0.59
N ASN B 149 14.96 -21.73 1.19
CA ASN B 149 15.37 -22.81 2.11
C ASN B 149 15.39 -24.19 1.49
N ARG B 150 15.55 -24.27 0.18
CA ARG B 150 15.56 -25.58 -0.51
C ARG B 150 16.98 -25.93 -0.93
N ASN B 151 17.31 -27.22 -0.84
CA ASN B 151 18.57 -27.75 -1.39
C ASN B 151 18.35 -27.99 -2.89
N CYS B 152 19.16 -27.34 -3.74
CA CYS B 152 18.97 -27.36 -5.20
C CYS B 152 20.24 -27.71 -5.96
N LYS B 153 20.06 -28.08 -7.22
CA LYS B 153 21.15 -28.20 -8.18
C LYS B 153 20.95 -27.17 -9.27
N LEU B 154 22.04 -26.75 -9.87
CA LEU B 154 22.00 -25.72 -10.89
C LEU B 154 22.72 -26.21 -12.12
N GLN B 155 21.92 -26.39 -13.18
CA GLN B 155 22.40 -26.93 -14.46
C GLN B 155 22.58 -25.76 -15.41
N THR B 156 23.72 -25.71 -16.09
CA THR B 156 23.87 -24.77 -17.17
C THR B 156 22.94 -25.15 -18.33
N GLN B 157 22.30 -24.14 -18.94
CA GLN B 157 21.47 -24.36 -20.14
C GLN B 157 22.32 -24.89 -21.31
N LEU B 158 23.63 -24.72 -21.24
CA LEU B 158 24.53 -25.22 -22.30
C LEU B 158 24.52 -26.77 -22.46
N ASN B 159 24.16 -27.49 -21.40
CA ASN B 159 24.33 -28.94 -21.36
C ASN B 159 23.53 -29.57 -20.24
N SER B 160 22.67 -30.53 -20.57
CA SER B 160 21.77 -31.17 -19.60
C SER B 160 22.45 -31.93 -18.46
N ASP B 161 23.74 -32.25 -18.64
CA ASP B 161 24.50 -32.89 -17.56
C ASP B 161 25.78 -32.17 -17.16
N ARG B 162 25.72 -30.84 -17.05
CA ARG B 162 26.79 -30.02 -16.51
C ARG B 162 26.18 -29.13 -15.43
N PHE B 163 26.73 -29.25 -14.23
CA PHE B 163 26.16 -28.61 -13.05
C PHE B 163 27.19 -27.75 -12.31
N LEU B 164 26.71 -26.72 -11.64
CA LEU B 164 27.53 -25.89 -10.75
C LEU B 164 28.12 -26.74 -9.63
N SER B 165 29.45 -26.86 -9.59
CA SER B 165 30.12 -27.82 -8.69
C SER B 165 31.38 -27.25 -8.06
N LYS B 166 31.46 -27.28 -6.73
CA LYS B 166 32.73 -27.02 -6.04
C LYS B 166 33.74 -28.12 -6.46
N ASN B 167 34.92 -27.76 -6.93
CA ASN B 167 35.97 -28.77 -7.21
C ASN B 167 36.36 -29.55 -5.96
N LEU B 168 36.76 -30.83 -6.11
CA LEU B 168 37.39 -31.54 -4.99
C LEU B 168 38.68 -30.81 -4.66
N ASN B 169 38.94 -30.62 -3.37
CA ASN B 169 40.23 -30.10 -2.94
C ASN B 169 40.62 -28.68 -3.44
N SER B 170 39.60 -27.84 -3.68
CA SER B 170 39.75 -26.47 -4.13
C SER B 170 38.46 -25.75 -3.71
N GLN B 171 38.50 -24.42 -3.58
CA GLN B 171 37.26 -23.67 -3.34
C GLN B 171 36.59 -23.21 -4.64
N ILE B 172 37.26 -23.45 -5.75
CA ILE B 172 36.85 -22.89 -7.03
C ILE B 172 35.69 -23.68 -7.54
N ILE B 173 34.68 -22.97 -8.05
CA ILE B 173 33.45 -23.63 -8.51
C ILE B 173 33.47 -23.72 -10.03
N VAL B 174 33.14 -24.90 -10.54
CA VAL B 174 33.24 -25.18 -11.98
C VAL B 174 32.03 -25.97 -12.45
N LEU B 175 31.95 -26.22 -13.74
CA LEU B 175 31.01 -27.19 -14.29
C LEU B 175 31.51 -28.63 -14.13
N TRP B 176 30.58 -29.50 -13.73
CA TRP B 176 30.85 -30.93 -13.71
C TRP B 176 29.57 -31.72 -13.92
N GLN B 177 29.73 -32.85 -14.61
CA GLN B 177 28.76 -33.89 -14.71
C GLN B 177 28.15 -34.18 -13.34
N TRP B 178 26.86 -34.51 -13.32
CA TRP B 178 26.18 -34.86 -12.08
C TRP B 178 26.70 -36.19 -11.46
N PHE B 179 27.16 -36.12 -10.20
CA PHE B 179 27.64 -37.27 -9.41
C PHE B 179 26.85 -37.43 -8.10
N ASP B 180 25.78 -36.63 -7.95
CA ASP B 180 24.98 -36.64 -6.73
C ASP B 180 25.88 -36.29 -5.53
N SER B 181 26.86 -35.44 -5.81
CA SER B 181 27.85 -34.99 -4.82
C SER B 181 27.35 -33.82 -3.95
N SER B 182 27.68 -33.85 -2.67
CA SER B 182 27.48 -32.71 -1.81
C SER B 182 28.11 -31.44 -2.44
N ARG B 183 29.12 -31.59 -3.32
CA ARG B 183 29.77 -30.43 -3.92
C ARG B 183 28.89 -29.71 -4.95
N GLN B 184 27.77 -30.37 -5.29
CA GLN B 184 26.87 -29.92 -6.35
C GLN B 184 25.46 -29.59 -5.83
N LYS B 185 25.32 -29.53 -4.51
CA LYS B 185 24.05 -29.33 -3.84
C LYS B 185 24.14 -28.01 -3.09
N TRP B 186 23.17 -27.15 -3.36
CA TRP B 186 23.23 -25.74 -2.93
C TRP B 186 21.94 -25.34 -2.21
N THR B 187 22.04 -24.95 -0.95
CA THR B 187 20.89 -24.48 -0.18
C THR B 187 20.70 -23.01 -0.48
N ILE B 188 19.56 -22.68 -1.07
CA ILE B 188 19.23 -21.30 -1.44
C ILE B 188 18.48 -20.68 -0.24
N GLU B 189 18.97 -19.53 0.23
CA GLU B 189 18.40 -18.89 1.43
C GLU B 189 18.28 -17.40 1.21
N TYR B 190 17.06 -16.90 1.36
CA TYR B 190 16.77 -15.45 1.23
C TYR B 190 17.23 -14.69 2.46
N ASN B 191 17.93 -13.57 2.23
CA ASN B 191 18.36 -12.69 3.31
C ASN B 191 17.44 -11.47 3.30
N GLU B 192 16.71 -11.26 4.40
CA GLU B 192 15.76 -10.14 4.49
C GLU B 192 16.41 -8.77 4.39
N THR B 193 17.60 -8.62 5.01
CA THR B 193 18.26 -7.32 5.03
C THR B 193 18.81 -6.94 3.66
N LYS B 194 19.40 -7.90 2.95
CA LYS B 194 19.91 -7.66 1.61
C LYS B 194 18.80 -7.70 0.55
N SER B 195 17.66 -8.33 0.88
CA SER B 195 16.65 -8.70 -0.11
C SER B 195 17.23 -9.48 -1.31
N ALA B 196 18.03 -10.51 -1.00
CA ALA B 196 18.74 -11.27 -2.02
C ALA B 196 19.15 -12.60 -1.38
N TYR B 197 19.64 -13.52 -2.20
CA TYR B 197 19.87 -14.87 -1.80
C TYR B 197 21.35 -15.21 -1.65
N THR B 198 21.63 -16.17 -0.76
CA THR B 198 22.94 -16.84 -0.75
C THR B 198 22.71 -18.29 -1.16
N LEU B 199 23.78 -18.94 -1.63
CA LEU B 199 23.70 -20.34 -2.04
C LEU B 199 24.84 -21.06 -1.34
N LYS B 200 24.47 -22.03 -0.53
CA LYS B 200 25.41 -22.69 0.38
C LYS B 200 25.72 -24.13 -0.09
N CYS B 201 26.99 -24.36 -0.37
CA CYS B 201 27.46 -25.67 -0.84
C CYS B 201 27.31 -26.65 0.30
N GLN B 202 26.71 -27.79 0.02
CA GLN B 202 26.53 -28.79 1.06
C GLN B 202 27.86 -29.44 1.54
N GLU B 203 28.83 -29.56 0.66
CA GLU B 203 30.11 -30.22 1.04
C GLU B 203 30.79 -29.54 2.23
N ASN B 204 30.82 -28.21 2.22
CA ASN B 204 31.61 -27.49 3.18
C ASN B 204 30.89 -26.33 3.89
N ASN B 205 29.58 -26.22 3.70
CA ASN B 205 28.80 -25.11 4.30
C ASN B 205 29.32 -23.70 4.00
N ARG B 206 29.92 -23.54 2.83
CA ARG B 206 30.45 -22.26 2.42
C ARG B 206 29.64 -21.84 1.19
N TYR B 207 29.73 -20.55 0.86
CA TYR B 207 28.74 -19.89 0.00
C TYR B 207 29.28 -19.48 -1.34
N LEU B 208 28.45 -19.59 -2.37
CA LEU B 208 28.77 -19.10 -3.69
C LEU B 208 29.10 -17.60 -3.64
N THR B 209 30.35 -17.27 -4.01
CA THR B 209 30.89 -15.93 -3.82
C THR B 209 31.73 -15.51 -5.01
N TRP B 210 31.52 -14.28 -5.46
CA TRP B 210 32.38 -13.70 -6.48
C TRP B 210 33.72 -13.26 -5.88
N ILE B 211 34.79 -13.88 -6.38
CA ILE B 211 36.16 -13.51 -6.00
C ILE B 211 36.70 -12.57 -7.08
N GLN B 212 36.73 -11.28 -6.77
CA GLN B 212 37.16 -10.26 -7.73
C GLN B 212 38.67 -10.24 -7.92
N ASN B 213 39.11 -10.77 -9.05
CA ASN B 213 40.47 -10.59 -9.56
C ASN B 213 40.37 -10.82 -11.06
N SER B 214 41.49 -10.90 -11.79
CA SER B 214 41.43 -11.01 -13.25
C SER B 214 40.67 -12.25 -13.74
N ASN B 215 40.64 -13.31 -12.93
CA ASN B 215 39.89 -14.52 -13.29
C ASN B 215 38.36 -14.37 -13.08
N ASN B 216 37.96 -13.61 -12.06
CA ASN B 216 36.54 -13.40 -11.71
C ASN B 216 35.78 -14.69 -11.50
N TYR B 217 36.47 -15.68 -10.94
CA TYR B 217 35.84 -16.94 -10.61
C TYR B 217 34.85 -16.76 -9.48
N VAL B 218 33.88 -17.66 -9.43
CA VAL B 218 33.19 -17.94 -8.19
C VAL B 218 33.90 -19.05 -7.41
N GLU B 219 33.92 -18.87 -6.09
CA GLU B 219 34.43 -19.87 -5.14
C GLU B 219 33.46 -20.02 -3.99
N THR B 220 33.56 -21.13 -3.27
CA THR B 220 32.93 -21.22 -1.96
C THR B 220 33.73 -20.39 -0.95
N TYR B 221 33.03 -19.56 -0.18
CA TYR B 221 33.69 -18.66 0.79
C TYR B 221 32.88 -18.64 2.08
N GLN B 222 33.53 -18.44 3.23
CA GLN B 222 32.77 -18.35 4.49
C GLN B 222 31.78 -17.20 4.42
N SER B 223 30.81 -17.19 5.34
CA SER B 223 29.82 -16.12 5.38
C SER B 223 30.49 -14.75 5.47
N THR B 224 29.94 -13.81 4.71
CA THR B 224 30.30 -12.40 4.82
C THR B 224 29.05 -11.53 4.58
N ASP B 225 29.08 -10.33 5.14
CA ASP B 225 28.06 -9.30 4.86
C ASP B 225 28.29 -8.60 3.52
N SER B 226 29.43 -8.82 2.91
CA SER B 226 29.76 -8.18 1.62
C SER B 226 28.81 -8.64 0.48
N LEU B 227 28.48 -7.69 -0.40
CA LEU B 227 27.54 -7.90 -1.49
C LEU B 227 28.02 -8.99 -2.46
N ILE B 228 29.32 -9.26 -2.45
CA ILE B 228 29.95 -10.26 -3.34
C ILE B 228 29.36 -11.67 -3.18
N GLN B 229 28.73 -11.92 -2.03
CA GLN B 229 28.13 -13.22 -1.69
C GLN B 229 26.61 -13.32 -1.93
N TYR B 230 26.00 -12.25 -2.43
CA TYR B 230 24.55 -12.16 -2.52
C TYR B 230 24.14 -12.05 -3.98
N TRP B 231 23.00 -12.66 -4.30
CA TRP B 231 22.58 -12.89 -5.66
C TRP B 231 21.10 -12.59 -5.78
N ASN B 232 20.75 -11.82 -6.81
CA ASN B 232 19.35 -11.65 -7.22
C ASN B 232 19.10 -12.78 -8.22
N ILE B 233 18.31 -13.77 -7.80
CA ILE B 233 17.94 -14.93 -8.60
C ILE B 233 16.65 -14.51 -9.30
N ASN B 234 16.69 -14.44 -10.62
CA ASN B 234 15.49 -14.01 -11.37
C ASN B 234 15.33 -14.91 -12.56
N TYR B 235 14.19 -14.80 -13.23
CA TYR B 235 13.98 -15.54 -14.45
C TYR B 235 14.59 -14.81 -15.61
N LEU B 236 14.84 -15.53 -16.71
CA LEU B 236 15.21 -14.86 -17.95
C LEU B 236 14.07 -13.87 -18.34
N ASP B 237 14.46 -12.75 -18.94
CA ASP B 237 13.60 -11.68 -19.45
C ASP B 237 12.12 -12.12 -19.65
N ASN B 238 11.87 -12.99 -20.63
CA ASN B 238 10.50 -13.39 -21.02
C ASN B 238 10.14 -14.81 -20.68
N ASP B 239 11.03 -15.55 -20.02
CA ASP B 239 10.89 -17.00 -19.93
C ASP B 239 11.19 -17.51 -18.51
N ALA B 240 10.15 -17.94 -17.83
CA ALA B 240 10.30 -18.42 -16.45
C ALA B 240 10.87 -19.85 -16.36
N SER B 241 11.23 -20.45 -17.50
CA SER B 241 11.80 -21.79 -17.47
C SER B 241 13.31 -21.78 -17.16
N LYS B 242 13.93 -20.61 -17.17
CA LYS B 242 15.39 -20.45 -17.00
C LYS B 242 15.68 -19.26 -16.09
N TYR B 243 16.87 -19.27 -15.47
CA TYR B 243 17.21 -18.29 -14.46
C TYR B 243 18.49 -17.55 -14.81
N ILE B 244 18.59 -16.32 -14.32
CA ILE B 244 19.79 -15.53 -14.37
C ILE B 244 20.13 -15.21 -12.94
N LEU B 245 21.42 -15.29 -12.56
CA LEU B 245 21.82 -14.91 -11.20
C LEU B 245 22.69 -13.69 -11.20
N TYR B 246 22.14 -12.56 -10.74
CA TYR B 246 22.86 -11.28 -10.77
C TYR B 246 23.59 -11.11 -9.43
N ASN B 247 24.87 -10.75 -9.47
CA ASN B 247 25.62 -10.50 -8.22
C ASN B 247 25.37 -9.12 -7.63
N LEU B 248 25.06 -9.07 -6.34
CA LEU B 248 24.69 -7.78 -5.72
C LEU B 248 25.81 -6.74 -5.72
N GLN B 249 27.06 -7.19 -5.74
CA GLN B 249 28.19 -6.26 -5.79
C GLN B 249 28.20 -5.48 -7.10
N ASP B 250 27.75 -6.10 -8.20
CA ASP B 250 27.57 -5.39 -9.48
C ASP B 250 26.45 -6.07 -10.23
N THR B 251 25.22 -5.55 -10.10
CA THR B 251 24.04 -6.23 -10.66
C THR B 251 23.99 -6.20 -12.19
N ASN B 252 24.99 -5.59 -12.84
CA ASN B 252 25.17 -5.74 -14.29
C ASN B 252 25.97 -6.98 -14.68
N ARG B 253 26.35 -7.78 -13.68
CA ARG B 253 27.22 -8.93 -13.85
C ARG B 253 26.55 -10.15 -13.26
N VAL B 254 26.69 -11.27 -13.96
CA VAL B 254 25.96 -12.48 -13.64
C VAL B 254 26.84 -13.71 -13.59
N LEU B 255 26.31 -14.78 -12.98
CA LEU B 255 26.91 -16.13 -13.04
C LEU B 255 26.96 -16.67 -14.50
N ASP B 256 28.15 -17.07 -14.96
CA ASP B 256 28.45 -17.14 -16.39
C ASP B 256 29.45 -18.29 -16.61
N VAL B 257 29.14 -19.21 -17.52
CA VAL B 257 30.06 -20.31 -17.86
C VAL B 257 31.04 -19.72 -18.91
N TYR B 258 32.34 -19.75 -18.56
CA TYR B 258 33.41 -19.10 -19.35
C TYR B 258 33.42 -19.59 -20.79
N ASN B 259 33.27 -18.65 -21.72
CA ASN B 259 33.27 -18.93 -23.18
C ASN B 259 32.34 -20.03 -23.64
N SER B 260 31.19 -20.19 -22.95
CA SER B 260 30.22 -21.25 -23.26
C SER B 260 30.80 -22.67 -23.39
N GLN B 261 31.94 -22.92 -22.76
CA GLN B 261 32.54 -24.26 -22.74
C GLN B 261 31.81 -25.20 -21.78
N THR B 262 31.78 -26.50 -22.13
CA THR B 262 31.04 -27.47 -21.34
C THR B 262 31.89 -28.63 -20.82
N ALA B 263 33.20 -28.60 -21.02
CA ALA B 263 34.06 -29.67 -20.47
C ALA B 263 33.94 -29.73 -18.94
N ASN B 264 34.06 -30.93 -18.36
CA ASN B 264 34.22 -31.05 -16.91
C ASN B 264 35.40 -30.20 -16.44
N GLY B 265 35.18 -29.31 -15.48
CA GLY B 265 36.21 -28.39 -14.99
C GLY B 265 36.15 -26.98 -15.55
N THR B 266 35.22 -26.73 -16.47
CA THR B 266 35.11 -25.38 -17.08
C THR B 266 34.77 -24.38 -15.98
N HIS B 267 35.45 -23.24 -15.98
CA HIS B 267 35.29 -22.26 -14.96
C HIS B 267 33.91 -21.58 -15.05
N VAL B 268 33.36 -21.31 -13.88
CA VAL B 268 32.17 -20.46 -13.77
C VAL B 268 32.67 -19.12 -13.20
N ILE B 269 32.20 -18.03 -13.80
CA ILE B 269 32.73 -16.73 -13.52
C ILE B 269 31.57 -15.75 -13.29
N VAL B 270 31.89 -14.51 -12.94
CA VAL B 270 30.90 -13.43 -12.88
C VAL B 270 31.27 -12.43 -13.97
N ASP B 271 30.35 -12.16 -14.90
CA ASP B 271 30.68 -11.31 -16.06
C ASP B 271 29.47 -10.51 -16.55
N SER B 272 29.73 -9.46 -17.32
CA SER B 272 28.68 -8.55 -17.86
C SER B 272 27.50 -9.27 -18.45
N TYR B 273 26.31 -8.87 -18.02
CA TYR B 273 25.09 -9.52 -18.48
C TYR B 273 24.87 -9.37 -19.99
N HIS B 274 24.52 -10.46 -20.67
CA HIS B 274 23.97 -10.37 -22.03
C HIS B 274 22.77 -11.27 -22.20
N GLY B 275 22.67 -12.30 -21.37
CA GLY B 275 21.53 -13.19 -21.43
C GLY B 275 21.67 -14.35 -22.37
N ASN B 276 22.85 -14.53 -22.99
CA ASN B 276 23.05 -15.72 -23.84
C ASN B 276 23.00 -17.01 -23.01
N THR B 277 22.99 -18.14 -23.71
CA THR B 277 22.74 -19.43 -23.06
C THR B 277 23.75 -19.77 -21.96
N ASN B 278 25.00 -19.31 -22.10
CA ASN B 278 26.03 -19.55 -21.07
C ASN B 278 25.79 -18.80 -19.76
N GLN B 279 24.81 -17.90 -19.76
CA GLN B 279 24.37 -17.21 -18.53
C GLN B 279 23.01 -17.74 -18.00
N GLN B 280 22.46 -18.73 -18.67
CA GLN B 280 21.18 -19.27 -18.28
C GLN B 280 21.31 -20.54 -17.46
N TRP B 281 20.53 -20.62 -16.40
CA TRP B 281 20.66 -21.73 -15.46
C TRP B 281 19.31 -22.41 -15.25
N ILE B 282 19.35 -23.74 -15.11
CA ILE B 282 18.18 -24.51 -14.75
C ILE B 282 18.32 -24.94 -13.30
N ILE B 283 17.39 -24.53 -12.45
CA ILE B 283 17.47 -24.81 -11.03
C ILE B 283 16.40 -25.82 -10.64
N ASN B 284 16.82 -26.95 -10.06
CA ASN B 284 15.86 -27.95 -9.60
C ASN B 284 16.12 -28.32 -8.16
N LEU B 285 15.06 -28.74 -7.45
CA LEU B 285 15.21 -29.29 -6.11
C LEU B 285 15.94 -30.63 -6.23
N ILE B 286 16.75 -30.93 -5.21
CA ILE B 286 17.53 -32.18 -5.09
C ILE B 286 16.62 -33.42 -5.15
N GLU C 4 -31.32 -0.14 -26.14
CA GLU C 4 -31.64 1.30 -26.37
C GLU C 4 -33.15 1.54 -26.46
N ARG C 5 -33.58 2.68 -25.94
CA ARG C 5 -34.93 3.24 -26.13
C ARG C 5 -34.97 4.61 -25.43
N THR C 6 -35.84 5.49 -25.89
CA THR C 6 -36.03 6.79 -25.22
C THR C 6 -37.47 6.94 -24.71
N PHE C 7 -38.36 7.38 -25.61
CA PHE C 7 -39.80 7.54 -25.33
C PHE C 7 -40.11 8.24 -24.00
N LEU C 8 -39.47 9.40 -23.81
CA LEU C 8 -39.67 10.26 -22.63
C LEU C 8 -40.17 11.65 -23.03
N PRO C 9 -41.46 11.93 -22.79
CA PRO C 9 -42.00 13.27 -23.11
C PRO C 9 -41.49 14.36 -22.15
N ASN C 10 -41.50 15.61 -22.63
CA ASN C 10 -41.24 16.78 -21.77
C ASN C 10 -42.27 16.83 -20.66
N GLY C 11 -41.84 17.23 -19.46
CA GLY C 11 -42.73 17.26 -18.30
C GLY C 11 -41.99 17.16 -16.97
N ASN C 12 -42.76 16.91 -15.92
CA ASN C 12 -42.25 16.85 -14.55
C ASN C 12 -42.27 15.43 -14.01
N TYR C 13 -41.16 15.02 -13.41
CA TYR C 13 -40.98 13.66 -12.93
C TYR C 13 -40.40 13.65 -11.53
N LYS C 14 -40.60 12.55 -10.82
CA LYS C 14 -39.76 12.23 -9.69
C LYS C 14 -38.78 11.10 -10.11
N ILE C 15 -37.65 11.03 -9.41
CA ILE C 15 -36.57 10.10 -9.75
C ILE C 15 -36.23 9.26 -8.51
N LYS C 16 -36.36 7.94 -8.63
CA LYS C 16 -35.88 7.05 -7.57
C LYS C 16 -34.86 6.01 -8.08
N SER C 17 -34.22 5.32 -7.15
CA SER C 17 -33.29 4.24 -7.46
C SER C 17 -34.00 2.91 -7.29
N LEU C 18 -33.32 1.81 -7.63
CA LEU C 18 -33.81 0.45 -7.41
C LEU C 18 -33.76 -0.02 -5.94
N PHE C 19 -33.16 0.79 -5.07
CA PHE C 19 -32.89 0.37 -3.70
C PHE C 19 -33.99 0.74 -2.70
N SER C 20 -34.79 1.75 -3.03
CA SER C 20 -35.90 2.15 -2.17
C SER C 20 -37.09 2.68 -2.96
N ASP C 21 -38.29 2.26 -2.56
CA ASP C 21 -39.55 2.88 -3.03
C ASP C 21 -39.79 4.26 -2.40
N SER C 22 -39.14 4.52 -1.25
CA SER C 22 -39.41 5.71 -0.44
C SER C 22 -38.39 6.82 -0.60
N LEU C 23 -37.30 6.59 -1.32
CA LEU C 23 -36.27 7.63 -1.46
C LEU C 23 -36.23 8.19 -2.86
N TYR C 24 -36.38 9.50 -2.95
CA TYR C 24 -36.45 10.21 -4.23
C TYR C 24 -35.32 11.22 -4.37
N LEU C 25 -34.85 11.45 -5.59
CA LEU C 25 -33.79 12.42 -5.82
C LEU C 25 -34.28 13.82 -5.43
N THR C 26 -33.64 14.43 -4.44
CA THR C 26 -34.02 15.78 -4.00
C THR C 26 -32.85 16.76 -3.83
N TYR C 27 -33.11 18.02 -4.18
CA TYR C 27 -32.16 19.09 -3.98
C TYR C 27 -32.52 19.83 -2.69
N SER C 28 -31.66 19.72 -1.68
CA SER C 28 -31.97 20.21 -0.34
C SER C 28 -30.97 21.28 0.15
N SER C 29 -30.02 20.88 0.99
CA SER C 29 -29.08 21.83 1.61
C SER C 29 -27.91 22.13 0.68
N GLY C 30 -28.22 22.58 -0.54
CA GLY C 30 -27.22 22.72 -1.60
C GLY C 30 -26.68 21.38 -2.10
N SER C 31 -27.27 20.28 -1.64
CA SER C 31 -26.83 18.93 -2.03
C SER C 31 -27.91 18.10 -2.71
N LEU C 32 -27.45 17.25 -3.60
CA LEU C 32 -28.30 16.37 -4.35
C LEU C 32 -28.16 14.99 -3.73
N SER C 33 -29.27 14.40 -3.30
CA SER C 33 -29.26 13.02 -2.81
C SER C 33 -30.66 12.45 -2.77
N PHE C 34 -30.78 11.19 -2.35
CA PHE C 34 -32.06 10.52 -2.25
C PHE C 34 -32.59 10.62 -0.83
N LEU C 35 -33.77 11.24 -0.70
CA LEU C 35 -34.37 11.51 0.61
C LEU C 35 -35.81 11.01 0.68
N ASN C 36 -36.36 10.96 1.89
CA ASN C 36 -37.69 10.41 2.06
C ASN C 36 -38.75 11.14 1.27
N THR C 37 -39.77 10.40 0.85
CA THR C 37 -40.74 10.93 -0.11
C THR C 37 -41.48 12.15 0.47
N SER C 38 -41.55 13.21 -0.32
CA SER C 38 -42.25 14.43 0.10
C SER C 38 -43.15 14.91 -1.04
N SER C 39 -43.98 15.92 -0.74
CA SER C 39 -44.81 16.54 -1.76
C SER C 39 -44.16 17.81 -2.30
N LEU C 40 -43.00 18.15 -1.72
CA LEU C 40 -42.31 19.41 -2.01
C LEU C 40 -41.76 19.51 -3.42
N ASP C 41 -41.59 20.75 -3.87
CA ASP C 41 -41.11 21.06 -5.22
C ASP C 41 -39.64 20.73 -5.43
N ASN C 42 -38.89 20.56 -4.33
CA ASN C 42 -37.47 20.24 -4.46
C ASN C 42 -37.17 18.77 -4.83
N GLN C 43 -38.14 17.86 -4.63
CA GLN C 43 -38.03 16.51 -5.22
C GLN C 43 -38.85 16.24 -6.50
N LYS C 44 -39.00 17.31 -7.29
CA LYS C 44 -39.66 17.25 -8.59
C LYS C 44 -38.70 17.79 -9.66
N TRP C 45 -38.67 17.12 -10.81
CA TRP C 45 -37.71 17.38 -11.87
C TRP C 45 -38.38 17.63 -13.20
N LYS C 46 -37.89 18.66 -13.89
CA LYS C 46 -38.36 19.06 -15.19
C LYS C 46 -37.46 18.47 -16.25
N LEU C 47 -38.02 17.54 -17.03
CA LEU C 47 -37.34 16.93 -18.17
C LEU C 47 -37.64 17.70 -19.45
N GLU C 48 -36.59 18.08 -20.16
CA GLU C 48 -36.76 18.73 -21.43
C GLU C 48 -35.80 18.18 -22.46
N TYR C 49 -36.35 17.61 -23.52
CA TYR C 49 -35.57 17.21 -24.68
C TYR C 49 -35.11 18.45 -25.43
N ILE C 50 -33.84 18.48 -25.81
CA ILE C 50 -33.31 19.59 -26.60
C ILE C 50 -32.76 19.08 -27.92
N SER C 51 -33.30 19.59 -29.03
CA SER C 51 -32.96 19.12 -30.39
C SER C 51 -31.68 19.78 -30.92
N SER C 52 -31.46 21.04 -30.54
CA SER C 52 -30.30 21.83 -30.99
C SER C 52 -28.97 21.07 -30.89
N SER C 53 -28.90 20.12 -29.96
CA SER C 53 -27.69 19.36 -29.66
C SER C 53 -28.02 17.96 -29.11
N ASN C 54 -29.26 17.52 -29.32
CA ASN C 54 -29.77 16.22 -28.85
C ASN C 54 -29.82 16.03 -27.32
N GLY C 55 -30.36 14.90 -26.88
CA GLY C 55 -30.45 14.60 -25.46
C GLY C 55 -31.32 15.52 -24.62
N PHE C 56 -31.33 15.25 -23.33
CA PHE C 56 -32.26 15.83 -22.38
C PHE C 56 -31.54 16.70 -21.35
N ARG C 57 -32.25 17.67 -20.81
CA ARG C 57 -31.80 18.43 -19.64
C ARG C 57 -32.74 18.22 -18.46
N PHE C 58 -32.17 18.09 -17.28
CA PHE C 58 -32.94 17.99 -16.03
C PHE C 58 -32.77 19.28 -15.23
N SER C 59 -33.88 19.84 -14.77
CA SER C 59 -33.81 20.97 -13.85
C SER C 59 -34.72 20.72 -12.67
N ASN C 60 -34.33 21.25 -11.52
CA ASN C 60 -35.16 21.13 -10.33
C ASN C 60 -36.27 22.18 -10.39
N VAL C 61 -37.49 21.80 -10.04
CA VAL C 61 -38.61 22.76 -10.19
C VAL C 61 -38.56 23.88 -9.13
N ALA C 62 -38.05 23.55 -7.94
CA ALA C 62 -37.83 24.55 -6.89
C ALA C 62 -36.66 25.46 -7.23
N GLU C 63 -35.97 25.16 -8.33
CA GLU C 63 -34.80 25.93 -8.72
C GLU C 63 -34.60 25.94 -10.25
N PRO C 64 -35.41 26.74 -10.99
CA PRO C 64 -35.13 26.90 -12.41
C PRO C 64 -33.85 27.74 -12.60
N ASN C 65 -33.34 27.82 -13.82
CA ASN C 65 -32.10 28.55 -14.13
C ASN C 65 -30.84 27.68 -14.00
N LYS C 66 -31.00 26.53 -13.33
CA LYS C 66 -29.89 25.59 -13.13
C LYS C 66 -30.23 24.13 -13.44
N TYR C 67 -29.25 23.46 -14.05
CA TYR C 67 -29.38 22.11 -14.59
C TYR C 67 -28.53 21.06 -13.85
N LEU C 68 -28.96 19.80 -13.90
CA LEU C 68 -28.13 18.68 -13.42
C LEU C 68 -26.98 18.51 -14.39
N ALA C 69 -25.78 18.57 -13.83
CA ALA C 69 -24.57 18.52 -14.62
C ALA C 69 -23.56 17.69 -13.81
N TYR C 70 -22.46 17.31 -14.42
CA TYR C 70 -21.36 16.68 -13.66
C TYR C 70 -20.19 17.63 -13.61
N ASN C 71 -19.44 17.60 -12.50
CA ASN C 71 -18.22 18.40 -12.37
C ASN C 71 -16.93 17.58 -12.49
N ASP C 72 -15.80 18.28 -12.37
CA ASP C 72 -14.43 17.71 -12.38
C ASP C 72 -14.20 16.62 -11.32
N TYR C 73 -15.03 16.59 -10.28
CA TYR C 73 -14.88 15.62 -9.20
C TYR C 73 -15.73 14.37 -9.51
N GLY C 74 -16.47 14.44 -10.62
CA GLY C 74 -17.33 13.32 -10.99
C GLY C 74 -18.62 13.27 -10.21
N PHE C 75 -18.99 14.38 -9.54
CA PHE C 75 -20.29 14.47 -8.88
C PHE C 75 -21.32 15.01 -9.88
N ILE C 76 -22.53 14.48 -9.81
CA ILE C 76 -23.71 15.17 -10.38
C ILE C 76 -24.16 16.24 -9.37
N TYR C 77 -24.45 17.42 -9.89
CA TYR C 77 -24.83 18.57 -9.06
C TYR C 77 -25.70 19.56 -9.87
N LEU C 78 -26.32 20.51 -9.17
CA LEU C 78 -27.11 21.57 -9.82
C LEU C 78 -26.21 22.75 -10.20
N SER C 79 -26.23 23.11 -11.47
CA SER C 79 -25.34 24.16 -11.99
C SER C 79 -26.06 25.18 -12.88
N SER C 80 -25.60 26.44 -12.82
CA SER C 80 -25.83 27.40 -13.91
C SER C 80 -24.56 27.28 -14.72
N SER C 81 -24.69 26.72 -15.92
CA SER C 81 -23.72 25.73 -16.38
C SER C 81 -22.51 26.15 -17.24
N SER C 82 -21.96 25.19 -17.99
CA SER C 82 -20.76 25.39 -18.83
C SER C 82 -20.66 24.52 -20.12
N ASN C 83 -21.39 23.41 -20.25
CA ASN C 83 -22.47 23.01 -19.35
C ASN C 83 -22.33 21.62 -18.70
N ASN C 84 -21.93 20.61 -19.47
CA ASN C 84 -21.94 19.19 -19.01
C ASN C 84 -23.32 18.76 -18.47
N SER C 85 -24.37 19.21 -19.15
CA SER C 85 -25.75 19.09 -18.67
C SER C 85 -26.64 18.21 -19.54
N LEU C 86 -26.14 17.75 -20.67
CA LEU C 86 -26.93 16.92 -21.59
C LEU C 86 -26.81 15.41 -21.30
N TRP C 87 -27.98 14.77 -21.27
CA TRP C 87 -28.11 13.37 -20.86
C TRP C 87 -28.98 12.59 -21.85
N ASN C 88 -28.61 11.33 -22.06
CA ASN C 88 -29.36 10.38 -22.87
C ASN C 88 -29.94 9.26 -21.99
N PRO C 89 -31.21 9.40 -21.53
CA PRO C 89 -31.84 8.29 -20.81
C PRO C 89 -32.16 7.11 -21.71
N ILE C 90 -31.46 6.00 -21.48
CA ILE C 90 -31.62 4.75 -22.22
C ILE C 90 -32.65 3.86 -21.53
N LYS C 91 -33.80 3.67 -22.18
CA LYS C 91 -34.89 2.93 -21.58
C LYS C 91 -34.64 1.42 -21.61
N ILE C 92 -34.85 0.76 -20.48
CA ILE C 92 -34.53 -0.67 -20.34
C ILE C 92 -35.69 -1.45 -19.72
N ALA C 93 -36.73 -0.72 -19.30
CA ALA C 93 -37.98 -1.31 -18.84
C ALA C 93 -39.05 -0.22 -18.86
N ILE C 94 -40.24 -0.55 -18.38
CA ILE C 94 -41.40 0.33 -18.46
C ILE C 94 -41.10 1.76 -18.01
N ASN C 95 -40.47 1.93 -16.83
CA ASN C 95 -40.02 3.28 -16.42
C ASN C 95 -38.59 3.31 -15.86
N SER C 96 -37.71 2.45 -16.39
CA SER C 96 -36.34 2.32 -15.90
C SER C 96 -35.37 2.77 -16.98
N TYR C 97 -34.35 3.52 -16.56
CA TYR C 97 -33.41 4.19 -17.47
C TYR C 97 -31.99 4.16 -16.89
N ILE C 98 -31.02 4.01 -17.80
CA ILE C 98 -29.62 4.30 -17.55
C ILE C 98 -29.49 5.74 -18.06
N ILE C 99 -29.05 6.65 -17.20
CA ILE C 99 -28.86 8.03 -17.63
C ILE C 99 -27.43 8.22 -18.08
N CYS C 100 -27.26 8.24 -19.39
CA CYS C 100 -25.93 8.29 -19.98
C CYS C 100 -25.50 9.70 -20.29
N THR C 101 -24.22 9.94 -20.04
CA THR C 101 -23.52 11.09 -20.54
C THR C 101 -23.54 11.02 -22.06
N LEU C 102 -23.82 12.13 -22.72
CA LEU C 102 -23.50 12.19 -24.15
C LEU C 102 -22.24 13.02 -24.31
N SER C 103 -21.29 12.49 -25.07
CA SER C 103 -19.97 13.09 -25.21
C SER C 103 -19.31 12.77 -26.56
N ILE C 104 -18.67 11.60 -26.67
CA ILE C 104 -17.81 11.26 -27.82
C ILE C 104 -17.69 9.73 -28.08
N VAL C 105 -17.34 9.38 -29.32
CA VAL C 105 -17.40 8.00 -29.84
C VAL C 105 -16.12 7.17 -29.60
N ASN C 106 -16.28 5.85 -29.54
CA ASN C 106 -15.18 4.88 -29.30
C ASN C 106 -14.56 4.89 -27.88
N VAL C 107 -14.79 5.97 -27.11
CA VAL C 107 -14.40 6.04 -25.68
C VAL C 107 -15.44 5.33 -24.80
N THR C 108 -15.17 5.23 -23.51
CA THR C 108 -16.09 4.56 -22.57
C THR C 108 -17.34 5.41 -22.23
N ASP C 109 -18.50 4.75 -22.22
CA ASP C 109 -19.75 5.38 -21.82
C ASP C 109 -19.75 5.66 -20.32
N TYR C 110 -20.35 6.78 -19.94
CA TYR C 110 -20.50 7.20 -18.54
C TYR C 110 -21.97 7.35 -18.21
N ALA C 111 -22.35 7.06 -16.96
CA ALA C 111 -23.74 7.15 -16.55
C ALA C 111 -23.85 7.57 -15.10
N TRP C 112 -25.02 8.05 -14.73
CA TRP C 112 -25.34 8.32 -13.32
C TRP C 112 -25.22 7.04 -12.50
N THR C 113 -24.52 7.13 -11.38
CA THR C 113 -24.25 5.93 -10.59
C THR C 113 -24.54 6.21 -9.14
N ILE C 114 -25.39 5.38 -8.56
CA ILE C 114 -25.74 5.55 -7.17
C ILE C 114 -25.28 4.36 -6.34
N TYR C 115 -24.20 4.60 -5.61
CA TYR C 115 -23.53 3.56 -4.83
C TYR C 115 -24.43 3.08 -3.68
N ASP C 116 -24.38 1.79 -3.38
CA ASP C 116 -25.08 1.29 -2.20
C ASP C 116 -24.16 0.48 -1.26
N ASN C 117 -24.46 0.55 0.03
CA ASN C 117 -23.87 -0.35 1.02
C ASN C 117 -24.97 -1.30 1.48
N ASN C 118 -24.95 -2.53 0.95
CA ASN C 118 -26.02 -3.50 1.16
C ASN C 118 -27.44 -2.91 1.04
N ASN C 119 -27.69 -2.25 -0.10
CA ASN C 119 -28.98 -1.61 -0.46
C ASN C 119 -29.28 -0.29 0.25
N ASN C 120 -28.34 0.16 1.07
CA ASN C 120 -28.44 1.46 1.74
C ASN C 120 -27.79 2.59 0.92
N ILE C 121 -28.59 3.59 0.52
CA ILE C 121 -28.05 4.71 -0.26
C ILE C 121 -28.07 6.05 0.49
N THR C 122 -28.33 6.01 1.80
CA THR C 122 -28.41 7.24 2.62
C THR C 122 -27.16 8.08 2.46
N ASP C 123 -27.35 9.35 2.10
CA ASP C 123 -26.27 10.34 2.02
C ASP C 123 -25.29 10.11 0.85
N GLN C 124 -25.62 9.16 -0.02
CA GLN C 124 -24.80 8.90 -1.19
C GLN C 124 -25.05 9.98 -2.26
N PRO C 125 -23.99 10.47 -2.91
CA PRO C 125 -24.26 11.33 -4.04
C PRO C 125 -24.45 10.47 -5.29
N ILE C 126 -24.93 11.10 -6.35
CA ILE C 126 -24.90 10.48 -7.67
C ILE C 126 -23.57 10.86 -8.33
N LEU C 127 -22.84 9.84 -8.79
CA LEU C 127 -21.56 10.05 -9.49
C LEU C 127 -21.61 9.73 -10.98
N ASN C 128 -20.71 10.33 -11.74
CA ASN C 128 -20.56 10.08 -13.17
C ASN C 128 -19.47 9.02 -13.35
N LEU C 129 -19.85 7.79 -13.69
CA LEU C 129 -18.87 6.68 -13.77
C LEU C 129 -19.06 5.81 -15.01
N PRO C 130 -18.01 5.06 -15.40
CA PRO C 130 -18.12 4.19 -16.60
C PRO C 130 -19.29 3.24 -16.57
N ASN C 131 -19.86 3.04 -17.75
CA ASN C 131 -20.99 2.13 -17.92
C ASN C 131 -20.64 1.16 -19.05
N PHE C 132 -20.97 -0.10 -18.83
CA PHE C 132 -20.65 -1.19 -19.77
C PHE C 132 -21.82 -2.10 -20.16
N ASP C 133 -22.94 -1.97 -19.45
CA ASP C 133 -24.09 -2.85 -19.62
C ASP C 133 -25.37 -2.21 -19.13
N ILE C 134 -26.50 -2.89 -19.32
CA ILE C 134 -27.77 -2.35 -18.86
C ILE C 134 -28.26 -3.11 -17.63
N ASN C 135 -27.35 -3.85 -17.02
CA ASN C 135 -27.64 -4.79 -15.96
C ASN C 135 -27.30 -4.22 -14.56
N ASN C 136 -26.47 -3.19 -14.53
CA ASN C 136 -25.88 -2.65 -13.29
C ASN C 136 -26.92 -1.89 -12.44
N SER C 137 -27.33 -2.48 -11.31
CA SER C 137 -28.36 -1.89 -10.41
C SER C 137 -28.06 -0.48 -9.94
N ASN C 138 -26.77 -0.17 -9.78
CA ASN C 138 -26.35 1.17 -9.35
C ASN C 138 -26.44 2.23 -10.45
N GLN C 139 -26.74 1.80 -11.67
CA GLN C 139 -26.87 2.73 -12.77
C GLN C 139 -28.28 2.74 -13.37
N ILE C 140 -29.23 2.15 -12.68
CA ILE C 140 -30.62 2.10 -13.19
C ILE C 140 -31.48 2.99 -12.32
N LEU C 141 -32.17 3.93 -12.97
CA LEU C 141 -33.04 4.88 -12.27
C LEU C 141 -34.46 4.72 -12.79
N LYS C 142 -35.43 4.90 -11.90
CA LYS C 142 -36.84 4.91 -12.28
C LYS C 142 -37.35 6.34 -12.35
N LEU C 143 -37.92 6.71 -13.49
CA LEU C 143 -38.48 8.05 -13.74
C LEU C 143 -39.99 7.95 -13.74
N GLU C 144 -40.62 8.51 -12.70
CA GLU C 144 -42.07 8.43 -12.51
C GLU C 144 -42.72 9.75 -12.93
N LYS C 145 -43.59 9.68 -13.93
CA LYS C 145 -44.26 10.89 -14.43
C LYS C 145 -45.29 11.42 -13.43
N LEU C 146 -45.34 12.75 -13.32
CA LEU C 146 -46.35 13.42 -12.50
C LEU C 146 -47.43 14.07 -13.37
#